data_7JVM
#
_entry.id   7JVM
#
_cell.length_a   46.292
_cell.length_b   212.561
_cell.length_c   55.752
_cell.angle_alpha   90.000
_cell.angle_beta   96.720
_cell.angle_gamma   90.000
#
_symmetry.space_group_name_H-M   'P 1 21 1'
#
loop_
_entity.id
_entity.type
_entity.pdbx_description
1 polymer 'Tyrosine-protein phosphatase non-receptor type 11'
2 non-polymer (3S,4S)-8-{6-amino-5-[(2-amino-3-chloropyridin-4-yl)sulfanyl]pyrazin-2-yl}-3-methyl-2-oxa-8-azaspiro[4.5]decan-4-amine
3 non-polymer 'PHOSPHATE ION'
4 water water
#
_entity_poly.entity_id   1
_entity_poly.type   'polypeptide(L)'
_entity_poly.pdbx_seq_one_letter_code
;MTSRRWFHPNITGVEAENLLLTRGVDGSFLARPSKSNPGDFTLSVRRNGAVTHIKIQNTGDYYDLYGGEKFATLAELVQY
YMEHHGQLKEKNGDVIELKYPLNCADPTSERWFHGHLSGKEAEKLLTEKGKHGSFLVRESQSHPGDFVLSVRTGDDKGES
NDGKSKVTHVMIRCQELKYDVGGGERFDSLTDLVEHYKKNPMVETLGTVLQLKQPLNTTRINAAEIESRVRELSKLAETT
DKVKQGFWEEFETLQQQECKLLYSRKEGQRQENKNKNRYKNILPFDHTRVVLHDGDPNEPVSDYINANIIMPEFETKCNN
SKPKKSYIATQGCLQNTVNDFWRMVFQENSRVIVMTTKEVERGKSKCVKYWPDEYALKEYGVMRVRNVKESAAHDYTLRE
LKLSKVGQGNTERTVWQYHFRTWPDHGVPSDPGGVLDFLEEVHHKQESIMDAGPVVVHCSAGIGRTGTFIVIDILIDIIR
EKGVDCDIDVPKTIQMVRSQRSGMVQTEAQYRFIYMAVQHYIETL
;
_entity_poly.pdbx_strand_id   A,B
#
# COMPACT_ATOMS: atom_id res chain seq x y z
N SER A 3 18.93 36.39 0.73
CA SER A 3 19.43 36.03 2.07
C SER A 3 18.37 35.25 2.89
N ARG A 4 18.81 34.62 3.99
CA ARG A 4 17.97 33.82 4.89
C ARG A 4 18.16 34.33 6.32
N ARG A 5 18.30 35.66 6.52
CA ARG A 5 18.50 36.23 7.85
C ARG A 5 17.24 36.19 8.74
N TRP A 6 16.07 35.98 8.16
CA TRP A 6 14.83 35.83 8.91
C TRP A 6 14.84 34.54 9.77
N PHE A 7 15.84 33.65 9.61
CA PHE A 7 15.89 32.42 10.37
C PHE A 7 16.72 32.62 11.60
N HIS A 8 16.13 32.40 12.78
CA HIS A 8 16.86 32.56 14.03
C HIS A 8 16.97 31.16 14.63
N PRO A 9 18.17 30.58 14.71
CA PRO A 9 18.28 29.19 15.20
C PRO A 9 18.26 28.98 16.70
N ASN A 10 18.56 30.01 17.52
CA ASN A 10 18.67 29.82 18.97
C ASN A 10 17.66 30.57 19.81
N ILE A 11 16.51 30.95 19.26
CA ILE A 11 15.53 31.69 20.04
C ILE A 11 14.37 30.86 20.49
N THR A 12 13.83 31.23 21.64
CA THR A 12 12.63 30.62 22.21
C THR A 12 11.42 31.37 21.57
N GLY A 13 10.20 30.91 21.86
CA GLY A 13 9.00 31.58 21.37
C GLY A 13 8.77 32.91 22.06
N VAL A 14 9.22 33.04 23.33
CA VAL A 14 9.05 34.27 24.10
C VAL A 14 9.99 35.36 23.59
N GLU A 15 11.26 34.99 23.32
CA GLU A 15 12.26 35.89 22.73
C GLU A 15 11.77 36.41 21.38
N ALA A 16 11.13 35.55 20.58
CA ALA A 16 10.58 35.88 19.28
C ALA A 16 9.41 36.86 19.38
N GLU A 17 8.57 36.70 20.41
CA GLU A 17 7.43 37.57 20.66
C GLU A 17 7.95 38.99 20.94
N ASN A 18 8.86 39.14 21.94
CA ASN A 18 9.47 40.40 22.34
C ASN A 18 10.30 41.04 21.22
N LEU A 19 10.96 40.21 20.38
CA LEU A 19 11.75 40.66 19.23
C LEU A 19 10.86 41.31 18.18
N LEU A 20 9.72 40.69 17.87
CA LEU A 20 8.79 41.21 16.86
C LEU A 20 7.98 42.39 17.38
N LEU A 21 7.67 42.39 18.69
CA LEU A 21 6.90 43.46 19.30
C LEU A 21 7.75 44.72 19.46
N THR A 22 9.02 44.58 19.89
CA THR A 22 9.87 45.74 20.09
C THR A 22 10.70 46.16 18.87
N ARG A 23 11.13 45.22 18.02
CA ARG A 23 11.97 45.56 16.86
C ARG A 23 11.32 45.41 15.49
N GLY A 24 10.08 44.95 15.45
CA GLY A 24 9.37 44.79 14.20
C GLY A 24 8.16 45.69 14.07
N VAL A 25 7.48 45.59 12.95
CA VAL A 25 6.26 46.34 12.67
C VAL A 25 5.20 45.33 12.14
N ASP A 26 3.97 45.79 11.79
CA ASP A 26 2.97 44.90 11.23
C ASP A 26 3.46 44.40 9.87
N GLY A 27 3.56 43.09 9.76
CA GLY A 27 4.12 42.45 8.58
C GLY A 27 5.49 41.86 8.84
N SER A 28 6.12 42.17 10.02
CA SER A 28 7.44 41.62 10.38
C SER A 28 7.36 40.14 10.72
N PHE A 29 8.33 39.37 10.24
CA PHE A 29 8.31 37.92 10.51
C PHE A 29 9.69 37.32 10.68
N LEU A 30 9.72 36.15 11.32
CA LEU A 30 10.91 35.35 11.43
C LEU A 30 10.51 33.87 11.50
N ALA A 31 11.45 32.98 11.25
CA ALA A 31 11.23 31.55 11.40
C ALA A 31 12.26 31.02 12.38
N ARG A 32 11.95 29.90 13.03
CA ARG A 32 12.84 29.35 14.06
C ARG A 32 12.58 27.85 14.32
N PRO A 33 13.57 27.10 14.85
CA PRO A 33 13.32 25.70 15.18
C PRO A 33 12.50 25.59 16.47
N SER A 34 11.65 24.57 16.55
CA SER A 34 10.77 24.38 17.70
C SER A 34 11.48 23.84 18.93
N LYS A 35 10.95 24.23 20.10
CA LYS A 35 11.44 23.82 21.41
C LYS A 35 10.43 22.83 22.04
N SER A 36 9.12 23.09 21.86
CA SER A 36 8.09 22.19 22.40
C SER A 36 7.98 20.88 21.60
N ASN A 37 8.36 20.90 20.32
CA ASN A 37 8.36 19.70 19.49
C ASN A 37 9.57 19.76 18.58
N PRO A 38 10.74 19.31 19.06
CA PRO A 38 11.95 19.36 18.21
C PRO A 38 11.78 18.65 16.87
N GLY A 39 12.35 19.23 15.82
CA GLY A 39 12.19 18.73 14.45
C GLY A 39 11.21 19.57 13.64
N ASP A 40 10.36 20.36 14.34
CA ASP A 40 9.36 21.25 13.77
C ASP A 40 9.88 22.71 13.73
N PHE A 41 9.15 23.59 13.05
CA PHE A 41 9.53 24.99 12.92
C PHE A 41 8.34 25.92 13.23
N THR A 42 8.63 27.17 13.54
CA THR A 42 7.60 28.16 13.81
C THR A 42 7.83 29.43 12.98
N LEU A 43 6.83 29.81 12.18
CA LEU A 43 6.85 31.06 11.46
C LEU A 43 6.13 32.07 12.39
N SER A 44 6.85 33.03 12.98
CA SER A 44 6.24 34.03 13.87
C SER A 44 6.01 35.33 13.10
N VAL A 45 4.75 35.77 12.96
CA VAL A 45 4.39 36.95 12.17
C VAL A 45 3.71 38.00 13.04
N ARG A 46 4.01 39.28 12.82
CA ARG A 46 3.36 40.36 13.55
C ARG A 46 2.20 40.88 12.69
N ARG A 47 0.99 40.93 13.26
CA ARG A 47 -0.22 41.36 12.55
C ARG A 47 -1.16 42.00 13.56
N ASN A 48 -1.58 43.25 13.29
CA ASN A 48 -2.49 44.02 14.17
C ASN A 48 -1.98 44.14 15.62
N GLY A 49 -0.69 44.43 15.77
CA GLY A 49 -0.06 44.57 17.09
C GLY A 49 0.12 43.29 17.88
N ALA A 50 -0.29 42.15 17.30
CA ALA A 50 -0.17 40.87 17.98
C ALA A 50 0.67 39.86 17.18
N VAL A 51 1.26 38.90 17.89
CA VAL A 51 2.10 37.90 17.23
C VAL A 51 1.42 36.54 17.07
N THR A 52 1.35 36.07 15.82
CA THR A 52 0.81 34.76 15.48
C THR A 52 1.97 33.80 15.29
N HIS A 53 1.84 32.58 15.82
CA HIS A 53 2.86 31.55 15.64
C HIS A 53 2.26 30.44 14.80
N ILE A 54 2.77 30.25 13.57
CA ILE A 54 2.29 29.25 12.62
C ILE A 54 3.24 28.06 12.59
N LYS A 55 2.70 26.86 12.77
CA LYS A 55 3.51 25.66 12.80
C LYS A 55 3.93 25.17 11.42
N ILE A 56 5.19 24.72 11.32
CA ILE A 56 5.74 24.12 10.11
C ILE A 56 6.23 22.77 10.53
N GLN A 57 5.74 21.70 9.88
CA GLN A 57 6.17 20.36 10.22
C GLN A 57 6.99 19.71 9.12
N ASN A 58 8.06 19.00 9.46
CA ASN A 58 8.83 18.25 8.48
C ASN A 58 9.20 16.94 9.08
N THR A 59 8.52 15.87 8.64
CA THR A 59 8.89 14.52 9.08
C THR A 59 9.86 13.83 8.11
N GLY A 60 10.32 14.52 7.06
CA GLY A 60 11.27 13.94 6.13
C GLY A 60 10.89 14.01 4.66
N ASP A 61 9.67 14.47 4.36
CA ASP A 61 9.21 14.53 2.98
C ASP A 61 9.13 15.94 2.41
N TYR A 62 8.73 16.92 3.23
CA TYR A 62 8.50 18.32 2.83
C TYR A 62 8.19 19.19 4.07
N TYR A 63 8.23 20.50 3.91
CA TYR A 63 7.84 21.44 4.96
C TYR A 63 6.36 21.64 4.78
N ASP A 64 5.58 21.26 5.77
CA ASP A 64 4.13 21.37 5.72
C ASP A 64 3.70 22.53 6.63
N LEU A 65 3.39 23.65 6.02
CA LEU A 65 2.97 24.86 6.74
C LEU A 65 1.49 24.72 7.13
N TYR A 66 1.15 25.04 8.38
CA TYR A 66 -0.23 24.97 8.88
C TYR A 66 -1.02 26.11 8.24
N GLY A 67 -2.13 25.79 7.59
CA GLY A 67 -2.91 26.80 6.89
C GLY A 67 -2.21 27.36 5.66
N GLY A 68 -1.27 26.59 5.13
CA GLY A 68 -0.49 26.96 3.96
C GLY A 68 -0.23 25.75 3.09
N GLU A 69 0.84 25.83 2.30
CA GLU A 69 1.19 24.77 1.38
C GLU A 69 2.42 23.94 1.83
N LYS A 70 2.84 22.95 0.98
CA LYS A 70 4.00 22.10 1.20
C LYS A 70 5.18 22.58 0.35
N PHE A 71 6.35 22.72 0.96
CA PHE A 71 7.53 23.29 0.30
C PHE A 71 8.77 22.45 0.45
N ALA A 72 9.69 22.57 -0.51
CA ALA A 72 10.94 21.85 -0.48
C ALA A 72 11.94 22.48 0.47
N THR A 73 11.93 23.79 0.63
CA THR A 73 12.87 24.46 1.56
C THR A 73 12.14 25.58 2.29
N LEU A 74 12.66 25.98 3.45
CA LEU A 74 12.11 27.14 4.18
C LEU A 74 12.28 28.43 3.37
N ALA A 75 13.39 28.55 2.62
CA ALA A 75 13.62 29.70 1.76
C ALA A 75 12.56 29.75 0.64
N GLU A 76 12.23 28.60 0.00
CA GLU A 76 11.22 28.59 -1.05
C GLU A 76 9.84 28.98 -0.50
N LEU A 77 9.53 28.54 0.73
CA LEU A 77 8.30 28.86 1.46
C LEU A 77 8.20 30.37 1.67
N VAL A 78 9.21 30.99 2.32
CA VAL A 78 9.24 32.44 2.56
C VAL A 78 9.17 33.19 1.24
N GLN A 79 9.96 32.81 0.24
CA GLN A 79 9.95 33.48 -1.06
C GLN A 79 8.57 33.44 -1.72
N TYR A 80 7.82 32.35 -1.52
CA TYR A 80 6.49 32.20 -2.09
C TYR A 80 5.47 33.16 -1.43
N TYR A 81 5.44 33.21 -0.09
CA TYR A 81 4.52 34.12 0.60
C TYR A 81 4.94 35.59 0.46
N MET A 82 6.24 35.87 0.27
CA MET A 82 6.69 37.24 0.05
C MET A 82 6.39 37.77 -1.37
N GLU A 83 5.89 36.92 -2.27
CA GLU A 83 5.54 37.33 -3.63
C GLU A 83 4.06 37.08 -3.95
N HIS A 84 3.41 36.14 -3.22
CA HIS A 84 2.01 35.79 -3.43
C HIS A 84 1.22 36.14 -2.17
N HIS A 85 0.89 37.44 -2.00
CA HIS A 85 0.12 37.91 -0.85
C HIS A 85 -1.35 37.40 -0.86
N GLY A 86 -2.00 37.48 0.30
CA GLY A 86 -3.36 36.96 0.46
C GLY A 86 -3.46 35.45 0.48
N GLN A 87 -2.31 34.75 0.44
CA GLN A 87 -2.24 33.30 0.41
C GLN A 87 -2.15 32.62 1.76
N LEU A 88 -1.69 33.34 2.79
CA LEU A 88 -1.53 32.76 4.11
C LEU A 88 -2.61 33.21 5.08
N LYS A 89 -3.40 32.28 5.62
CA LYS A 89 -4.47 32.60 6.56
C LYS A 89 -4.34 31.73 7.82
N ASP A 94 -8.77 34.97 6.82
CA ASP A 94 -8.11 36.08 7.49
C ASP A 94 -6.60 36.07 7.19
N VAL A 95 -6.17 36.92 6.24
CA VAL A 95 -4.81 37.02 5.74
C VAL A 95 -3.76 37.40 6.79
N ILE A 96 -2.55 36.84 6.60
CA ILE A 96 -1.33 37.00 7.36
C ILE A 96 -0.32 37.41 6.29
N GLU A 97 0.24 38.61 6.39
CA GLU A 97 1.18 39.11 5.40
C GLU A 97 2.62 39.01 5.88
N LEU A 98 3.52 38.44 5.05
CA LEU A 98 4.95 38.38 5.35
C LEU A 98 5.59 39.50 4.57
N LYS A 99 5.71 40.68 5.19
CA LYS A 99 6.27 41.86 4.54
C LYS A 99 7.75 42.08 4.84
N TYR A 100 8.11 42.10 6.14
CA TYR A 100 9.45 42.45 6.62
C TYR A 100 10.18 41.39 7.38
N PRO A 101 11.24 40.82 6.78
CA PRO A 101 12.05 39.84 7.53
C PRO A 101 12.73 40.51 8.73
N LEU A 102 12.61 39.90 9.91
CA LEU A 102 13.31 40.42 11.06
C LEU A 102 14.59 39.65 11.06
N ASN A 103 15.70 40.35 10.76
CA ASN A 103 17.02 39.75 10.61
C ASN A 103 17.67 39.35 11.90
N CYS A 104 18.37 38.22 11.84
CA CYS A 104 19.08 37.54 12.92
C CYS A 104 20.55 37.94 12.93
N ALA A 105 21.04 38.43 14.06
CA ALA A 105 22.43 38.83 14.18
C ALA A 105 23.36 37.71 14.69
N ASP A 106 22.78 36.62 15.23
CA ASP A 106 23.47 35.46 15.76
C ASP A 106 24.25 34.75 14.64
N PRO A 107 25.57 34.53 14.84
CA PRO A 107 26.37 33.91 13.76
C PRO A 107 26.51 32.40 13.78
N THR A 108 25.82 31.65 14.67
CA THR A 108 26.01 30.20 14.77
C THR A 108 25.93 29.42 13.45
N SER A 109 25.00 29.77 12.56
CA SER A 109 24.85 29.05 11.28
C SER A 109 25.75 29.56 10.17
N GLU A 110 26.73 30.42 10.48
CA GLU A 110 27.66 30.88 9.47
C GLU A 110 28.70 29.79 9.27
N ARG A 111 29.08 29.56 8.02
CA ARG A 111 30.08 28.57 7.64
C ARG A 111 31.44 28.88 8.25
N TRP A 112 31.78 30.18 8.35
CA TRP A 112 33.04 30.70 8.87
C TRP A 112 33.09 30.82 10.39
N PHE A 113 31.93 30.79 11.06
CA PHE A 113 31.89 30.90 12.52
C PHE A 113 32.11 29.57 13.25
N HIS A 114 33.04 29.57 14.21
CA HIS A 114 33.36 28.37 14.97
C HIS A 114 33.09 28.49 16.47
N GLY A 115 32.92 29.70 16.98
CA GLY A 115 32.62 29.89 18.40
C GLY A 115 33.75 29.41 19.29
N HIS A 116 33.48 28.40 20.16
CA HIS A 116 34.56 27.88 21.00
C HIS A 116 35.58 27.16 20.13
N LEU A 117 36.80 27.73 20.09
CA LEU A 117 37.94 27.28 19.31
C LEU A 117 39.10 28.18 19.72
N SER A 118 40.17 27.58 20.26
CA SER A 118 41.36 28.34 20.68
C SER A 118 42.15 28.82 19.46
N GLY A 119 43.06 29.77 19.68
CA GLY A 119 43.89 30.34 18.63
C GLY A 119 44.88 29.38 18.04
N LYS A 120 45.36 28.43 18.86
CA LYS A 120 46.29 27.40 18.40
C LYS A 120 45.52 26.41 17.53
N GLU A 121 44.30 26.03 17.93
CA GLU A 121 43.43 25.15 17.16
C GLU A 121 43.11 25.80 15.79
N ALA A 122 42.81 27.11 15.79
CA ALA A 122 42.52 27.86 14.57
C ALA A 122 43.72 27.96 13.65
N GLU A 123 44.91 28.21 14.21
CA GLU A 123 46.13 28.29 13.40
C GLU A 123 46.48 26.90 12.82
N LYS A 124 46.27 25.83 13.61
CA LYS A 124 46.51 24.45 13.17
C LYS A 124 45.50 24.08 12.06
N LEU A 125 44.26 24.55 12.16
CA LEU A 125 43.23 24.32 11.15
C LEU A 125 43.56 25.09 9.87
N LEU A 126 43.92 26.38 9.97
CA LEU A 126 44.26 27.17 8.79
C LEU A 126 45.55 26.71 8.11
N THR A 127 46.46 26.11 8.87
CA THR A 127 47.72 25.64 8.31
C THR A 127 47.56 24.31 7.59
N GLU A 128 46.96 23.33 8.26
CA GLU A 128 46.77 22.00 7.66
C GLU A 128 45.64 21.90 6.65
N LYS A 129 44.59 22.73 6.76
CA LYS A 129 43.44 22.63 5.87
C LYS A 129 43.18 23.83 4.98
N GLY A 130 43.88 24.93 5.22
CA GLY A 130 43.63 26.15 4.48
C GLY A 130 44.36 26.38 3.18
N LYS A 131 43.93 27.41 2.49
CA LYS A 131 44.51 27.89 1.24
C LYS A 131 44.43 29.44 1.23
N HIS A 132 44.87 30.11 0.15
CA HIS A 132 44.80 31.57 0.09
C HIS A 132 43.34 32.03 0.16
N GLY A 133 43.05 32.89 1.12
CA GLY A 133 41.72 33.42 1.31
C GLY A 133 40.88 32.67 2.30
N SER A 134 41.37 31.52 2.83
CA SER A 134 40.59 30.76 3.82
C SER A 134 40.54 31.55 5.11
N PHE A 135 39.34 31.70 5.69
CA PHE A 135 39.19 32.47 6.92
C PHE A 135 38.14 31.87 7.83
N LEU A 136 38.25 32.17 9.12
CA LEU A 136 37.30 31.72 10.12
C LEU A 136 37.15 32.81 11.19
N VAL A 137 36.10 32.74 12.00
CA VAL A 137 35.90 33.66 13.11
C VAL A 137 35.65 32.83 14.35
N ARG A 138 36.37 33.11 15.43
CA ARG A 138 36.21 32.38 16.69
C ARG A 138 35.96 33.33 17.85
N GLU A 139 35.41 32.84 18.96
CA GLU A 139 35.24 33.66 20.16
C GLU A 139 36.62 33.82 20.81
N SER A 140 37.01 35.07 21.15
CA SER A 140 38.28 35.36 21.78
C SER A 140 38.36 34.90 23.26
N PRO A 144 36.69 37.76 25.73
CA PRO A 144 35.61 37.74 26.74
C PRO A 144 34.42 38.54 26.23
N GLY A 145 33.88 38.10 25.09
CA GLY A 145 32.79 38.78 24.39
C GLY A 145 33.22 39.30 23.02
N ASP A 146 34.55 39.32 22.78
CA ASP A 146 35.22 39.72 21.55
C ASP A 146 35.47 38.48 20.64
N PHE A 147 35.90 38.72 19.41
CA PHE A 147 36.10 37.67 18.43
C PHE A 147 37.48 37.83 17.76
N VAL A 148 37.91 36.81 17.03
CA VAL A 148 39.18 36.86 16.31
C VAL A 148 38.93 36.37 14.92
N LEU A 149 39.29 37.16 13.92
CA LEU A 149 39.15 36.78 12.53
C LEU A 149 40.54 36.31 12.10
N SER A 150 40.66 35.05 11.70
CA SER A 150 41.94 34.48 11.29
C SER A 150 41.87 34.19 9.79
N VAL A 151 42.81 34.76 9.00
CA VAL A 151 42.81 34.63 7.54
C VAL A 151 44.15 34.12 7.04
N ARG A 152 44.15 33.25 6.03
CA ARG A 152 45.37 32.76 5.44
C ARG A 152 45.63 33.47 4.10
N THR A 153 46.88 33.89 3.84
CA THR A 153 47.26 34.51 2.56
C THR A 153 48.56 33.89 2.01
N GLY A 154 48.77 34.01 0.70
CA GLY A 154 49.97 33.48 0.06
C GLY A 154 49.69 32.66 -1.17
N ASP A 155 50.29 31.47 -1.26
CA ASP A 155 50.06 30.54 -2.37
C ASP A 155 50.03 29.08 -1.89
N SER A 165 53.38 31.89 2.23
CA SER A 165 52.09 31.76 2.93
C SER A 165 52.16 32.12 4.42
N LYS A 166 51.06 32.70 4.98
CA LYS A 166 50.99 33.07 6.40
C LYS A 166 49.54 33.15 6.94
N VAL A 167 49.38 33.38 8.25
CA VAL A 167 48.09 33.51 8.88
C VAL A 167 48.08 34.84 9.65
N THR A 168 47.02 35.66 9.47
CA THR A 168 46.86 36.94 10.14
C THR A 168 45.69 36.87 11.13
N HIS A 169 45.83 37.48 12.32
CA HIS A 169 44.79 37.50 13.33
C HIS A 169 44.31 38.91 13.60
N VAL A 170 43.08 39.22 13.20
CA VAL A 170 42.46 40.52 13.34
C VAL A 170 41.53 40.45 14.53
N MET A 171 41.69 41.36 15.50
CA MET A 171 40.85 41.36 16.70
C MET A 171 39.53 42.03 16.43
N ILE A 172 38.43 41.43 16.86
CA ILE A 172 37.11 42.00 16.65
C ILE A 172 36.52 42.39 17.99
N ARG A 173 36.46 43.70 18.27
CA ARG A 173 35.92 44.17 19.53
C ARG A 173 34.42 44.34 19.49
N CYS A 174 33.79 43.98 20.60
CA CYS A 174 32.38 44.18 20.83
C CYS A 174 32.35 45.30 21.86
N GLN A 175 31.91 46.49 21.43
CA GLN A 175 31.83 47.67 22.29
C GLN A 175 30.42 48.22 22.16
N GLU A 176 29.60 48.03 23.19
CA GLU A 176 28.21 48.49 23.27
C GLU A 176 27.31 47.89 22.21
N LEU A 177 27.34 46.55 22.10
CA LEU A 177 26.51 45.76 21.19
C LEU A 177 26.82 45.94 19.72
N LYS A 178 27.99 46.52 19.39
CA LYS A 178 28.39 46.69 18.00
C LYS A 178 29.77 46.07 17.77
N TYR A 179 30.10 45.77 16.51
CA TYR A 179 31.36 45.11 16.17
C TYR A 179 32.28 45.93 15.28
N ASP A 180 33.58 45.91 15.57
CA ASP A 180 34.58 46.61 14.78
C ASP A 180 35.96 45.95 14.86
N VAL A 181 36.80 46.24 13.87
CA VAL A 181 38.17 45.72 13.84
C VAL A 181 39.21 46.77 14.29
N GLY A 182 38.81 47.70 15.15
CA GLY A 182 39.71 48.71 15.65
C GLY A 182 39.46 50.11 15.16
N GLY A 183 38.86 50.23 13.98
CA GLY A 183 38.57 51.52 13.40
C GLY A 183 37.57 51.45 12.27
N GLY A 184 37.11 52.61 11.85
CA GLY A 184 36.14 52.71 10.78
C GLY A 184 34.74 52.38 11.21
N GLU A 185 34.07 51.57 10.40
CA GLU A 185 32.68 51.22 10.63
C GLU A 185 32.40 50.30 11.81
N ARG A 186 31.27 50.54 12.48
CA ARG A 186 30.76 49.72 13.56
C ARG A 186 29.52 48.99 13.01
N PHE A 187 29.45 47.67 13.23
CA PHE A 187 28.40 46.81 12.67
C PHE A 187 27.45 46.25 13.73
N ASP A 188 26.21 45.92 13.35
CA ASP A 188 25.26 45.31 14.29
C ASP A 188 25.54 43.83 14.53
N SER A 189 26.18 43.16 13.56
CA SER A 189 26.49 41.74 13.68
C SER A 189 27.86 41.38 13.11
N LEU A 190 28.38 40.21 13.52
CA LEU A 190 29.62 39.70 12.94
C LEU A 190 29.43 39.41 11.44
N THR A 191 28.20 39.03 11.03
CA THR A 191 27.86 38.78 9.62
C THR A 191 28.01 40.05 8.84
N ASP A 192 27.47 41.16 9.35
CA ASP A 192 27.58 42.44 8.66
C ASP A 192 29.02 42.92 8.59
N LEU A 193 29.86 42.58 9.57
CA LEU A 193 31.29 42.91 9.57
C LEU A 193 32.03 42.09 8.51
N VAL A 194 31.80 40.76 8.50
CA VAL A 194 32.40 39.81 7.57
C VAL A 194 32.01 40.16 6.15
N GLU A 195 30.72 40.41 5.91
CA GLU A 195 30.21 40.80 4.58
C GLU A 195 30.87 42.08 4.06
N HIS A 196 31.06 43.07 4.96
CA HIS A 196 31.73 44.30 4.62
C HIS A 196 33.21 44.11 4.29
N TYR A 197 33.97 43.39 5.15
CA TYR A 197 35.40 43.19 4.88
C TYR A 197 35.66 42.15 3.77
N LYS A 198 34.60 41.48 3.26
CA LYS A 198 34.64 40.56 2.11
C LYS A 198 34.59 41.40 0.80
N LYS A 199 33.78 42.48 0.81
CA LYS A 199 33.61 43.40 -0.30
C LYS A 199 34.75 44.43 -0.30
N ASN A 200 35.09 44.96 0.87
CA ASN A 200 36.14 45.96 1.06
C ASN A 200 37.25 45.34 1.92
N PRO A 201 38.20 44.61 1.31
CA PRO A 201 39.24 43.95 2.10
C PRO A 201 40.17 44.89 2.89
N MET A 202 40.57 44.44 4.08
CA MET A 202 41.55 45.18 4.87
C MET A 202 42.91 45.03 4.16
N VAL A 203 43.66 46.13 4.07
CA VAL A 203 44.96 46.08 3.42
C VAL A 203 46.01 46.32 4.47
N GLU A 204 46.95 45.41 4.62
CA GLU A 204 48.04 45.55 5.59
C GLU A 204 49.04 46.59 5.09
N THR A 205 49.78 47.18 6.06
CA THR A 205 50.81 48.23 5.90
C THR A 205 51.65 48.03 4.62
N LEU A 206 52.26 46.85 4.49
CA LEU A 206 53.15 46.57 3.39
C LEU A 206 52.51 45.93 2.18
N GLY A 207 51.21 46.13 2.01
CA GLY A 207 50.51 45.69 0.81
C GLY A 207 49.71 44.40 0.82
N THR A 208 49.81 43.59 1.88
CA THR A 208 49.06 42.32 1.91
C THR A 208 47.55 42.53 2.00
N VAL A 209 46.79 42.00 1.04
CA VAL A 209 45.34 42.14 1.05
C VAL A 209 44.68 40.97 1.82
N LEU A 210 43.99 41.25 2.93
CA LEU A 210 43.34 40.20 3.71
C LEU A 210 42.04 39.77 3.03
N GLN A 211 42.17 39.01 1.95
CA GLN A 211 41.06 38.52 1.15
C GLN A 211 40.32 37.43 1.90
N LEU A 212 39.04 37.63 2.18
CA LEU A 212 38.22 36.63 2.86
C LEU A 212 37.55 35.93 1.69
N LYS A 213 38.30 35.06 1.02
CA LYS A 213 37.85 34.40 -0.20
C LYS A 213 36.80 33.32 0.06
N GLN A 214 37.06 32.41 1.00
CA GLN A 214 36.13 31.35 1.32
C GLN A 214 36.33 30.88 2.75
N PRO A 215 35.25 30.46 3.43
CA PRO A 215 35.40 29.95 4.80
C PRO A 215 36.24 28.68 4.85
N LEU A 216 37.03 28.51 5.90
CA LEU A 216 37.87 27.31 6.05
C LEU A 216 37.03 26.04 6.05
N ASN A 217 37.40 25.05 5.20
CA ASN A 217 36.66 23.81 5.19
C ASN A 217 37.13 22.95 6.34
N THR A 218 36.19 22.63 7.24
CA THR A 218 36.36 21.75 8.40
C THR A 218 35.39 20.54 8.33
N THR A 219 34.58 20.43 7.26
CA THR A 219 33.63 19.33 7.14
C THR A 219 34.19 18.16 6.32
N ARG A 220 35.15 18.41 5.45
CA ARG A 220 35.80 17.37 4.67
C ARG A 220 36.68 16.53 5.61
N ILE A 221 36.39 15.24 5.67
CA ILE A 221 37.11 14.32 6.54
C ILE A 221 37.62 13.16 5.73
N ASN A 222 38.68 12.54 6.22
CA ASN A 222 39.20 11.33 5.65
C ASN A 222 38.19 10.23 6.08
N ALA A 223 37.78 9.37 5.14
CA ALA A 223 36.78 8.34 5.37
C ALA A 223 37.07 7.44 6.56
N ALA A 224 38.35 7.08 6.76
CA ALA A 224 38.74 6.23 7.87
C ALA A 224 38.47 6.88 9.21
N GLU A 225 38.37 8.24 9.30
CA GLU A 225 38.10 8.93 10.55
C GLU A 225 36.62 9.31 10.79
N ILE A 226 35.69 8.70 10.03
CA ILE A 226 34.24 8.94 10.17
C ILE A 226 33.74 8.70 11.62
N GLU A 227 34.19 7.64 12.29
CA GLU A 227 33.75 7.34 13.65
C GLU A 227 34.09 8.45 14.66
N SER A 228 35.28 9.04 14.53
CA SER A 228 35.74 10.11 15.41
C SER A 228 34.89 11.38 15.21
N ARG A 229 34.58 11.69 13.94
CA ARG A 229 33.78 12.85 13.60
C ARG A 229 32.34 12.66 14.09
N VAL A 230 31.75 11.48 13.88
CA VAL A 230 30.40 11.19 14.35
C VAL A 230 30.30 11.33 15.86
N ARG A 231 31.34 10.90 16.58
CA ARG A 231 31.42 11.01 18.03
C ARG A 231 31.49 12.49 18.47
N GLU A 232 32.27 13.33 17.75
CA GLU A 232 32.38 14.75 18.06
C GLU A 232 31.03 15.44 17.79
N LEU A 233 30.39 15.09 16.66
CA LEU A 233 29.08 15.62 16.26
C LEU A 233 27.95 15.15 17.20
N SER A 234 28.13 14.01 17.88
CA SER A 234 27.13 13.46 18.79
C SER A 234 27.12 14.13 20.15
N LYS A 235 28.26 14.71 20.57
CA LYS A 235 28.39 15.41 21.86
C LYS A 235 27.36 16.54 22.01
N LEU A 236 27.15 17.01 23.25
CA LEU A 236 26.19 18.09 23.49
C LEU A 236 26.78 19.45 23.04
N GLN A 245 23.70 19.70 20.26
CA GLN A 245 24.43 18.68 19.50
C GLN A 245 25.19 19.27 18.31
N GLY A 246 26.40 18.76 18.06
CA GLY A 246 27.24 19.20 16.95
C GLY A 246 26.62 18.93 15.60
N PHE A 247 25.83 17.83 15.50
CA PHE A 247 25.09 17.47 14.30
C PHE A 247 24.12 18.57 13.91
N TRP A 248 23.44 19.17 14.93
CA TRP A 248 22.46 20.22 14.71
C TRP A 248 23.09 21.52 14.16
N GLU A 249 24.26 21.94 14.67
CA GLU A 249 24.91 23.16 14.19
C GLU A 249 25.37 23.00 12.74
N GLU A 250 25.92 21.83 12.42
CA GLU A 250 26.40 21.57 11.07
C GLU A 250 25.23 21.51 10.09
N PHE A 251 24.12 20.88 10.50
CA PHE A 251 22.96 20.79 9.62
C PHE A 251 22.29 22.14 9.43
N GLU A 252 22.21 22.97 10.49
CA GLU A 252 21.63 24.28 10.37
C GLU A 252 22.53 25.25 9.57
N THR A 253 23.86 25.06 9.63
CA THR A 253 24.80 25.83 8.82
C THR A 253 24.57 25.51 7.34
N LEU A 254 24.32 24.23 7.03
CA LEU A 254 24.03 23.78 5.67
C LEU A 254 22.68 24.38 5.21
N GLN A 255 21.67 24.43 6.10
CA GLN A 255 20.37 25.00 5.76
C GLN A 255 20.46 26.48 5.39
N GLN A 256 21.35 27.24 6.04
CA GLN A 256 21.56 28.65 5.74
C GLN A 256 22.07 28.85 4.31
N GLN A 257 22.74 27.86 3.73
CA GLN A 257 23.23 27.95 2.37
C GLN A 257 22.17 27.67 1.29
N GLU A 258 20.93 27.34 1.68
CA GLU A 258 19.89 27.03 0.70
C GLU A 258 19.38 28.24 -0.06
N CYS A 259 19.59 29.46 0.50
CA CYS A 259 19.21 30.75 -0.10
C CYS A 259 19.90 30.99 -1.44
N LYS A 260 21.07 30.37 -1.63
CA LYS A 260 21.86 30.43 -2.86
C LYS A 260 21.32 29.53 -3.96
N LEU A 261 20.33 28.68 -3.66
CA LEU A 261 19.81 27.70 -4.58
C LEU A 261 18.38 27.99 -5.08
N LEU A 262 17.98 29.28 -5.13
CA LEU A 262 16.64 29.64 -5.59
C LEU A 262 16.62 29.80 -7.10
N TYR A 263 16.92 28.71 -7.80
CA TYR A 263 16.94 28.71 -9.25
C TYR A 263 15.49 28.67 -9.78
N SER A 264 15.31 29.11 -11.02
CA SER A 264 13.98 29.15 -11.61
C SER A 264 13.38 27.77 -11.79
N ARG A 265 12.05 27.74 -11.58
CA ARG A 265 11.19 26.58 -11.72
C ARG A 265 9.92 27.01 -12.52
N LYS A 266 10.11 27.83 -13.56
CA LYS A 266 9.06 28.33 -14.42
C LYS A 266 8.25 27.26 -15.18
N GLU A 267 8.90 26.21 -15.71
CA GLU A 267 8.20 25.17 -16.47
C GLU A 267 7.18 24.45 -15.61
N GLY A 268 7.57 24.11 -14.39
CA GLY A 268 6.66 23.48 -13.44
C GLY A 268 5.49 24.36 -13.05
N GLN A 269 5.64 25.69 -13.19
CA GLN A 269 4.62 26.69 -12.88
C GLN A 269 3.61 26.93 -14.00
N ARG A 270 3.93 26.49 -15.24
CA ARG A 270 3.05 26.66 -16.39
C ARG A 270 1.72 25.95 -16.16
N GLN A 271 0.64 26.54 -16.70
CA GLN A 271 -0.75 26.07 -16.52
C GLN A 271 -0.94 24.63 -16.96
N GLU A 272 -0.40 24.26 -18.11
CA GLU A 272 -0.54 22.89 -18.61
C GLU A 272 0.29 21.84 -17.82
N ASN A 273 1.19 22.30 -16.94
CA ASN A 273 2.01 21.41 -16.13
C ASN A 273 1.61 21.36 -14.66
N LYS A 274 0.62 22.18 -14.22
CA LYS A 274 0.27 22.23 -12.80
C LYS A 274 -0.30 20.94 -12.23
N ASN A 275 -1.15 20.21 -12.98
CA ASN A 275 -1.70 18.97 -12.42
C ASN A 275 -0.78 17.74 -12.67
N LYS A 276 0.43 17.97 -13.18
CA LYS A 276 1.51 17.01 -13.33
C LYS A 276 2.44 17.01 -12.08
N ASN A 277 2.17 17.87 -11.08
CA ASN A 277 2.98 17.98 -9.87
C ASN A 277 2.17 17.44 -8.70
N ARG A 278 2.77 16.60 -7.85
CA ARG A 278 2.11 16.03 -6.70
C ARG A 278 1.83 17.11 -5.65
N TYR A 279 2.79 18.01 -5.46
CA TYR A 279 2.67 19.18 -4.59
C TYR A 279 3.03 20.37 -5.52
N LYS A 280 2.09 21.31 -5.71
CA LYS A 280 2.21 22.46 -6.62
C LYS A 280 3.44 23.36 -6.42
N ASN A 281 4.03 23.42 -5.22
CA ASN A 281 5.19 24.26 -4.95
C ASN A 281 6.54 23.50 -4.83
N ILE A 282 6.51 22.18 -5.04
CA ILE A 282 7.74 21.38 -5.01
C ILE A 282 8.00 21.07 -6.47
N LEU A 283 8.77 21.94 -7.15
CA LEU A 283 8.98 21.88 -8.59
C LEU A 283 10.42 21.61 -8.99
N PRO A 284 10.62 20.98 -10.17
CA PRO A 284 11.99 20.77 -10.66
C PRO A 284 12.67 22.06 -11.16
N PHE A 285 14.01 22.19 -10.92
CA PHE A 285 14.76 23.32 -11.46
C PHE A 285 14.78 23.17 -12.97
N ASP A 286 14.49 24.24 -13.70
CA ASP A 286 14.46 24.25 -15.16
C ASP A 286 15.79 23.85 -15.76
N HIS A 287 16.91 24.20 -15.10
CA HIS A 287 18.23 23.89 -15.64
C HIS A 287 18.65 22.44 -15.51
N THR A 288 18.00 21.66 -14.66
CA THR A 288 18.31 20.25 -14.51
C THR A 288 17.13 19.30 -14.79
N ARG A 289 15.93 19.84 -15.10
CA ARG A 289 14.77 19.00 -15.31
C ARG A 289 14.90 18.06 -16.46
N VAL A 290 14.24 16.91 -16.36
CA VAL A 290 14.26 15.96 -17.48
C VAL A 290 13.25 16.45 -18.52
N VAL A 291 13.75 16.83 -19.70
CA VAL A 291 12.90 17.28 -20.79
C VAL A 291 12.50 16.04 -21.60
N LEU A 292 11.20 15.83 -21.81
CA LEU A 292 10.70 14.69 -22.57
C LEU A 292 10.58 15.05 -24.02
N HIS A 293 11.05 14.15 -24.89
CA HIS A 293 11.02 14.36 -26.33
C HIS A 293 10.13 13.37 -27.07
N ASP A 294 9.39 12.48 -26.37
CA ASP A 294 8.52 11.51 -27.08
C ASP A 294 7.40 12.17 -27.94
N GLY A 295 7.16 13.45 -27.67
CA GLY A 295 6.25 14.36 -28.36
C GLY A 295 5.01 13.84 -29.01
N ASP A 296 3.89 13.96 -28.31
CA ASP A 296 2.58 13.65 -28.89
C ASP A 296 1.91 15.01 -29.14
N PRO A 297 1.93 15.51 -30.39
CA PRO A 297 1.30 16.80 -30.66
C PRO A 297 -0.21 16.67 -30.90
N PRO A 300 1.21 19.20 -27.51
CA PRO A 300 1.18 20.67 -27.29
C PRO A 300 2.08 21.10 -26.13
N VAL A 301 2.07 20.28 -25.08
CA VAL A 301 2.83 20.50 -23.86
C VAL A 301 3.14 19.09 -23.33
N SER A 302 4.04 18.41 -24.01
CA SER A 302 4.41 17.04 -23.69
C SER A 302 5.86 16.89 -23.22
N ASP A 303 6.55 17.98 -22.81
CA ASP A 303 7.96 17.87 -22.45
C ASP A 303 8.25 17.87 -20.94
N TYR A 304 7.21 17.88 -20.11
CA TYR A 304 7.38 18.00 -18.68
C TYR A 304 7.11 16.76 -17.83
N ILE A 305 7.99 16.59 -16.86
CA ILE A 305 7.89 15.65 -15.76
C ILE A 305 8.52 16.32 -14.52
N ASN A 306 7.94 16.09 -13.34
CA ASN A 306 8.54 16.62 -12.12
C ASN A 306 9.70 15.67 -11.77
N ALA A 307 10.85 15.89 -12.42
CA ALA A 307 12.03 15.07 -12.26
C ALA A 307 13.27 15.89 -12.60
N ASN A 308 14.40 15.51 -12.00
CA ASN A 308 15.66 16.20 -12.26
C ASN A 308 16.84 15.23 -12.42
N ILE A 309 17.75 15.58 -13.31
CA ILE A 309 18.99 14.82 -13.43
C ILE A 309 19.87 15.20 -12.23
N ILE A 310 20.43 14.23 -11.55
CA ILE A 310 21.39 14.48 -10.48
C ILE A 310 22.72 13.87 -10.90
N MET A 311 23.73 14.71 -11.11
CA MET A 311 25.07 14.29 -11.50
C MET A 311 26.04 14.61 -10.38
N PRO A 312 26.80 13.60 -9.92
CA PRO A 312 27.81 13.87 -8.87
C PRO A 312 29.01 14.63 -9.44
N GLU A 313 29.59 15.53 -8.65
CA GLU A 313 30.74 16.36 -9.00
C GLU A 313 30.50 17.19 -10.28
N LYS A 325 28.25 7.46 -12.17
CA LYS A 325 26.85 7.04 -12.12
C LYS A 325 25.93 8.24 -11.90
N SER A 326 24.87 8.36 -12.73
CA SER A 326 23.88 9.43 -12.63
C SER A 326 22.57 8.98 -11.97
N TYR A 327 21.74 9.95 -11.60
CA TYR A 327 20.43 9.67 -11.02
C TYR A 327 19.37 10.57 -11.61
N ILE A 328 18.15 10.18 -11.45
CA ILE A 328 17.02 10.98 -11.77
C ILE A 328 16.25 10.98 -10.46
N ALA A 329 16.09 12.14 -9.86
CA ALA A 329 15.34 12.28 -8.62
C ALA A 329 13.95 12.72 -9.04
N THR A 330 12.95 11.92 -8.70
CA THR A 330 11.59 12.23 -9.15
C THR A 330 10.56 11.99 -8.07
N GLN A 331 9.37 12.55 -8.29
CA GLN A 331 8.24 12.38 -7.39
C GLN A 331 7.57 11.01 -7.66
N GLY A 332 6.73 10.57 -6.75
CA GLY A 332 5.90 9.40 -6.96
C GLY A 332 4.85 9.74 -8.00
N CYS A 333 4.58 8.81 -8.94
CA CYS A 333 3.61 9.05 -10.02
C CYS A 333 2.26 9.48 -9.51
N LEU A 334 1.57 10.23 -10.33
CA LEU A 334 0.15 10.49 -10.21
C LEU A 334 -0.48 9.62 -11.33
N GLN A 335 -1.80 9.39 -11.29
CA GLN A 335 -2.51 8.61 -12.31
C GLN A 335 -2.27 9.24 -13.72
N ASN A 336 -2.22 10.57 -13.79
CA ASN A 336 -2.02 11.29 -15.05
C ASN A 336 -0.56 11.47 -15.46
N THR A 337 0.41 10.97 -14.66
CA THR A 337 1.81 11.06 -15.06
C THR A 337 2.47 9.71 -15.32
N VAL A 338 1.75 8.59 -15.17
CA VAL A 338 2.30 7.25 -15.37
C VAL A 338 2.95 7.09 -16.73
N ASN A 339 2.26 7.56 -17.77
CA ASN A 339 2.78 7.45 -19.12
C ASN A 339 4.07 8.26 -19.28
N ASP A 340 4.11 9.50 -18.71
CA ASP A 340 5.25 10.42 -18.73
C ASP A 340 6.45 9.76 -18.05
N PHE A 341 6.23 9.09 -16.91
CA PHE A 341 7.26 8.36 -16.21
C PHE A 341 7.90 7.27 -17.09
N TRP A 342 7.10 6.45 -17.80
CA TRP A 342 7.64 5.40 -18.64
C TRP A 342 8.33 5.99 -19.86
N ARG A 343 7.82 7.11 -20.43
CA ARG A 343 8.50 7.81 -21.52
C ARG A 343 9.87 8.31 -21.02
N MET A 344 9.94 8.83 -19.79
CA MET A 344 11.21 9.26 -19.20
C MET A 344 12.16 8.08 -19.05
N VAL A 345 11.68 6.96 -18.47
CA VAL A 345 12.51 5.77 -18.26
C VAL A 345 13.10 5.27 -19.58
N PHE A 346 12.29 5.29 -20.62
CA PHE A 346 12.70 4.83 -21.93
C PHE A 346 13.71 5.78 -22.59
N GLN A 347 13.42 7.06 -22.60
CA GLN A 347 14.30 8.07 -23.20
C GLN A 347 15.69 8.11 -22.54
N GLU A 348 15.75 8.02 -21.22
CA GLU A 348 17.01 8.10 -20.49
C GLU A 348 17.79 6.80 -20.44
N ASN A 349 17.24 5.71 -20.99
CA ASN A 349 17.88 4.41 -20.97
C ASN A 349 18.08 3.87 -19.54
N SER A 350 17.30 4.36 -18.57
CA SER A 350 17.38 3.89 -17.19
C SER A 350 16.99 2.40 -17.13
N ARG A 351 17.75 1.65 -16.38
CA ARG A 351 17.54 0.22 -16.24
C ARG A 351 17.20 -0.22 -14.85
N VAL A 352 17.26 0.71 -13.88
CA VAL A 352 17.10 0.50 -12.45
C VAL A 352 16.30 1.69 -11.86
N ILE A 353 15.25 1.38 -11.13
CA ILE A 353 14.35 2.29 -10.46
C ILE A 353 14.39 1.92 -9.00
N VAL A 354 14.56 2.91 -8.15
CA VAL A 354 14.56 2.73 -6.73
C VAL A 354 13.37 3.49 -6.19
N MET A 355 12.40 2.75 -5.65
CA MET A 355 11.20 3.29 -5.08
C MET A 355 11.38 3.21 -3.56
N THR A 356 11.34 4.35 -2.87
CA THR A 356 11.62 4.37 -1.44
C THR A 356 10.40 4.67 -0.57
N THR A 357 9.22 4.36 -1.06
CA THR A 357 8.00 4.55 -0.29
C THR A 357 7.06 3.43 -0.61
N LYS A 358 6.11 3.19 0.28
CA LYS A 358 5.01 2.30 -0.02
C LYS A 358 4.05 3.15 -0.85
N GLU A 359 3.19 2.52 -1.64
CA GLU A 359 2.21 3.28 -2.45
C GLU A 359 1.28 4.09 -1.54
N VAL A 360 0.91 3.53 -0.38
CA VAL A 360 0.02 4.19 0.56
C VAL A 360 0.68 4.20 1.93
N GLU A 361 0.76 5.38 2.54
CA GLU A 361 1.36 5.51 3.86
C GLU A 361 0.46 6.38 4.72
N ARG A 362 0.13 5.93 5.95
CA ARG A 362 -0.74 6.69 6.85
C ARG A 362 -2.09 7.09 6.18
N GLY A 363 -2.67 6.18 5.41
CA GLY A 363 -3.92 6.42 4.71
C GLY A 363 -3.83 7.34 3.51
N LYS A 364 -2.60 7.75 3.11
CA LYS A 364 -2.43 8.67 2.00
C LYS A 364 -1.70 8.05 0.80
N SER A 365 -2.16 8.37 -0.41
CA SER A 365 -1.51 7.89 -1.63
C SER A 365 -0.21 8.65 -1.81
N LYS A 366 0.93 7.93 -1.81
CA LYS A 366 2.27 8.48 -1.97
C LYS A 366 2.77 8.29 -3.42
N CYS A 367 2.38 7.19 -4.06
CA CYS A 367 2.78 6.87 -5.43
C CYS A 367 1.73 5.96 -6.03
N VAL A 368 1.26 6.24 -7.25
CA VAL A 368 0.31 5.29 -7.86
C VAL A 368 1.08 4.05 -8.32
N LYS A 369 0.38 2.92 -8.45
CA LYS A 369 0.99 1.69 -8.92
C LYS A 369 1.25 1.86 -10.41
N TYR A 370 2.49 2.08 -10.79
CA TYR A 370 2.84 2.33 -12.20
C TYR A 370 3.36 1.10 -12.95
N TRP A 371 3.42 -0.04 -12.30
CA TRP A 371 3.91 -1.28 -12.87
C TRP A 371 2.74 -2.29 -12.90
N PRO A 372 2.73 -3.23 -13.86
CA PRO A 372 1.66 -4.25 -13.86
C PRO A 372 1.84 -5.27 -12.74
N ASP A 373 0.77 -6.04 -12.46
CA ASP A 373 0.80 -7.16 -11.52
C ASP A 373 1.78 -8.23 -12.11
N GLU A 374 2.32 -9.10 -11.26
CA GLU A 374 3.24 -10.15 -11.69
C GLU A 374 2.65 -11.01 -12.81
N TYR A 375 3.46 -11.26 -13.86
CA TYR A 375 3.12 -12.02 -15.08
C TYR A 375 2.19 -11.26 -16.05
N ALA A 376 1.73 -10.07 -15.67
CA ALA A 376 0.82 -9.30 -16.52
C ALA A 376 1.57 -8.34 -17.44
N LEU A 377 0.92 -7.91 -18.51
CA LEU A 377 1.49 -7.00 -19.48
C LEU A 377 0.54 -5.83 -19.60
N LYS A 378 1.03 -4.60 -19.48
CA LYS A 378 0.20 -3.42 -19.61
C LYS A 378 0.83 -2.39 -20.55
N GLU A 379 -0.01 -1.65 -21.23
CA GLU A 379 0.43 -0.58 -22.11
C GLU A 379 0.13 0.73 -21.37
N TYR A 380 1.14 1.61 -21.27
CA TYR A 380 1.14 2.93 -20.67
C TYR A 380 1.45 3.89 -21.81
N GLY A 381 0.40 4.25 -22.57
CA GLY A 381 0.56 5.10 -23.73
C GLY A 381 1.27 4.32 -24.82
N VAL A 382 2.33 4.91 -25.39
CA VAL A 382 3.18 4.26 -26.40
C VAL A 382 4.15 3.24 -25.79
N MET A 383 4.23 3.13 -24.45
CA MET A 383 5.13 2.22 -23.80
C MET A 383 4.41 0.95 -23.37
N ARG A 384 5.13 -0.13 -23.31
CA ARG A 384 4.60 -1.42 -22.93
C ARG A 384 5.48 -1.98 -21.84
N VAL A 385 4.86 -2.46 -20.77
CA VAL A 385 5.56 -3.02 -19.65
C VAL A 385 5.01 -4.38 -19.26
N ARG A 386 5.89 -5.36 -19.18
CA ARG A 386 5.54 -6.65 -18.64
C ARG A 386 6.22 -6.79 -17.29
N ASN A 387 5.52 -7.35 -16.28
CA ASN A 387 6.15 -7.63 -15.00
C ASN A 387 6.48 -9.11 -15.12
N VAL A 388 7.74 -9.41 -15.33
CA VAL A 388 8.21 -10.77 -15.52
C VAL A 388 8.28 -11.62 -14.23
N LYS A 389 8.73 -11.02 -13.11
CA LYS A 389 8.93 -11.78 -11.88
C LYS A 389 9.09 -10.82 -10.68
N GLU A 390 8.54 -11.17 -9.53
CA GLU A 390 8.72 -10.37 -8.30
C GLU A 390 9.47 -11.24 -7.29
N SER A 391 10.46 -10.67 -6.61
CA SER A 391 11.24 -11.39 -5.61
C SER A 391 11.19 -10.62 -4.30
N ALA A 392 10.68 -11.23 -3.24
CA ALA A 392 10.62 -10.57 -1.94
C ALA A 392 11.87 -10.91 -1.15
N ALA A 393 12.45 -9.88 -0.53
CA ALA A 393 13.56 -9.89 0.41
C ALA A 393 12.96 -9.27 1.70
N HIS A 394 13.70 -9.30 2.83
CA HIS A 394 13.18 -8.78 4.09
C HIS A 394 12.72 -7.30 3.99
N ASP A 395 13.60 -6.40 3.53
CA ASP A 395 13.36 -4.94 3.44
C ASP A 395 12.80 -4.44 2.14
N TYR A 396 12.90 -5.25 1.08
CA TYR A 396 12.49 -4.78 -0.23
C TYR A 396 11.92 -5.89 -1.12
N THR A 397 11.40 -5.49 -2.29
CA THR A 397 10.87 -6.39 -3.30
C THR A 397 11.55 -5.94 -4.58
N LEU A 398 12.09 -6.87 -5.36
CA LEU A 398 12.66 -6.58 -6.65
C LEU A 398 11.62 -7.01 -7.70
N ARG A 399 11.31 -6.15 -8.69
CA ARG A 399 10.40 -6.51 -9.77
C ARG A 399 11.18 -6.46 -11.09
N GLU A 400 11.18 -7.54 -11.87
CA GLU A 400 11.88 -7.57 -13.14
C GLU A 400 10.88 -7.16 -14.22
N LEU A 401 11.06 -5.96 -14.76
CA LEU A 401 10.13 -5.39 -15.74
C LEU A 401 10.76 -5.40 -17.12
N LYS A 402 9.95 -5.55 -18.16
CA LYS A 402 10.42 -5.46 -19.53
C LYS A 402 9.70 -4.28 -20.13
N LEU A 403 10.45 -3.28 -20.60
CA LEU A 403 9.91 -2.06 -21.14
C LEU A 403 10.28 -2.00 -22.61
N SER A 404 9.34 -1.59 -23.42
CA SER A 404 9.54 -1.45 -24.85
C SER A 404 8.52 -0.46 -25.39
N LYS A 405 8.79 0.09 -26.56
CA LYS A 405 7.89 1.00 -27.21
C LYS A 405 6.97 0.17 -28.10
N VAL A 406 5.67 0.43 -28.01
CA VAL A 406 4.64 -0.22 -28.84
C VAL A 406 5.00 -0.04 -30.36
N GLY A 407 4.98 -1.14 -31.11
CA GLY A 407 5.33 -1.15 -32.53
C GLY A 407 6.79 -1.46 -32.83
N GLN A 408 7.67 -1.47 -31.79
CA GLN A 408 9.10 -1.74 -31.97
C GLN A 408 9.67 -2.73 -30.93
N GLY A 409 9.58 -4.02 -31.22
CA GLY A 409 10.05 -5.07 -30.32
C GLY A 409 11.53 -4.96 -30.01
N ASN A 410 12.33 -4.49 -31.00
CA ASN A 410 13.76 -4.30 -30.85
C ASN A 410 14.16 -3.26 -29.79
N THR A 411 13.22 -2.49 -29.28
CA THR A 411 13.50 -1.50 -28.25
C THR A 411 13.41 -2.04 -26.82
N GLU A 412 13.06 -3.33 -26.64
CA GLU A 412 12.90 -3.96 -25.34
C GLU A 412 14.18 -4.04 -24.44
N ARG A 413 14.03 -3.62 -23.19
CA ARG A 413 15.09 -3.68 -22.20
C ARG A 413 14.48 -4.04 -20.85
N THR A 414 15.27 -4.69 -20.02
CA THR A 414 14.84 -5.06 -18.67
C THR A 414 15.08 -3.86 -17.77
N VAL A 415 14.07 -3.50 -16.94
CA VAL A 415 14.16 -2.43 -15.97
C VAL A 415 13.90 -3.09 -14.61
N TRP A 416 14.84 -2.97 -13.70
CA TRP A 416 14.76 -3.61 -12.40
C TRP A 416 14.25 -2.60 -11.38
N GLN A 417 13.12 -2.91 -10.79
CA GLN A 417 12.50 -2.02 -9.81
C GLN A 417 12.79 -2.53 -8.42
N TYR A 418 13.52 -1.75 -7.64
CA TYR A 418 13.85 -2.11 -6.28
C TYR A 418 12.94 -1.30 -5.38
N HIS A 419 12.01 -1.96 -4.74
CA HIS A 419 11.01 -1.32 -3.92
C HIS A 419 11.33 -1.48 -2.43
N PHE A 420 11.94 -0.47 -1.83
CA PHE A 420 12.26 -0.51 -0.40
C PHE A 420 10.94 -0.30 0.32
N ARG A 421 10.53 -1.27 1.14
CA ARG A 421 9.26 -1.25 1.83
C ARG A 421 9.29 -0.98 3.33
N THR A 422 10.46 -0.97 4.00
CA THR A 422 10.46 -0.86 5.46
C THR A 422 10.85 0.49 6.03
N TRP A 423 10.91 1.56 5.20
CA TRP A 423 11.25 2.86 5.74
C TRP A 423 10.09 3.35 6.62
N PRO A 424 10.36 3.84 7.83
CA PRO A 424 9.27 4.26 8.72
C PRO A 424 8.41 5.40 8.17
N ASP A 425 7.16 5.52 8.65
CA ASP A 425 6.26 6.59 8.20
C ASP A 425 6.83 7.97 8.51
N HIS A 426 7.50 8.10 9.67
CA HIS A 426 8.17 9.32 10.07
C HIS A 426 9.59 9.00 10.50
N GLY A 427 10.48 9.94 10.25
CA GLY A 427 11.87 9.78 10.62
C GLY A 427 12.62 8.82 9.72
N VAL A 428 13.63 8.17 10.29
CA VAL A 428 14.48 7.27 9.53
C VAL A 428 14.66 5.93 10.27
N PRO A 429 15.16 4.88 9.59
CA PRO A 429 15.44 3.62 10.30
C PRO A 429 16.46 3.82 11.42
N SER A 430 16.32 3.06 12.54
CA SER A 430 17.28 3.18 13.64
C SER A 430 18.66 2.56 13.33
N ASP A 431 18.75 1.75 12.27
CA ASP A 431 19.98 1.09 11.87
C ASP A 431 20.11 1.22 10.35
N PRO A 432 21.30 1.58 9.83
CA PRO A 432 21.45 1.75 8.38
C PRO A 432 21.71 0.46 7.57
N GLY A 433 21.78 -0.69 8.24
CA GLY A 433 22.07 -1.98 7.63
C GLY A 433 21.16 -2.41 6.50
N GLY A 434 19.87 -2.19 6.68
CA GLY A 434 18.88 -2.55 5.67
C GLY A 434 19.04 -1.75 4.38
N VAL A 435 19.13 -0.41 4.52
CA VAL A 435 19.33 0.54 3.43
C VAL A 435 20.67 0.28 2.74
N LEU A 436 21.72 -0.06 3.52
CA LEU A 436 23.04 -0.32 2.94
C LEU A 436 23.08 -1.55 2.05
N ASP A 437 22.53 -2.67 2.53
CA ASP A 437 22.46 -3.91 1.77
C ASP A 437 21.62 -3.71 0.50
N PHE A 438 20.55 -2.92 0.59
CA PHE A 438 19.71 -2.51 -0.53
C PHE A 438 20.50 -1.69 -1.57
N LEU A 439 21.20 -0.63 -1.13
CA LEU A 439 21.98 0.20 -2.04
C LEU A 439 23.11 -0.62 -2.69
N GLU A 440 23.69 -1.58 -1.93
CA GLU A 440 24.75 -2.44 -2.41
C GLU A 440 24.22 -3.29 -3.57
N GLU A 441 23.03 -3.85 -3.39
CA GLU A 441 22.39 -4.63 -4.44
C GLU A 441 22.05 -3.77 -5.68
N VAL A 442 21.44 -2.59 -5.47
CA VAL A 442 21.11 -1.65 -6.54
C VAL A 442 22.36 -1.27 -7.33
N HIS A 443 23.46 -1.06 -6.61
CA HIS A 443 24.70 -0.69 -7.22
C HIS A 443 25.23 -1.79 -8.18
N HIS A 444 25.27 -3.04 -7.73
CA HIS A 444 25.77 -4.16 -8.56
C HIS A 444 24.89 -4.40 -9.76
N LYS A 445 23.55 -4.26 -9.62
CA LYS A 445 22.63 -4.41 -10.76
C LYS A 445 22.94 -3.32 -11.80
N GLN A 446 23.12 -2.08 -11.35
CA GLN A 446 23.48 -0.96 -12.24
C GLN A 446 24.86 -1.17 -12.94
N GLU A 447 25.88 -1.58 -12.18
CA GLU A 447 27.21 -1.85 -12.70
C GLU A 447 27.25 -3.04 -13.72
N SER A 448 26.36 -4.03 -13.59
CA SER A 448 26.34 -5.19 -14.51
C SER A 448 25.68 -4.89 -15.87
N ILE A 449 24.99 -3.75 -16.00
CA ILE A 449 24.30 -3.41 -17.24
C ILE A 449 25.12 -2.41 -18.02
N MET A 450 25.59 -2.82 -19.18
CA MET A 450 26.44 -1.98 -20.02
C MET A 450 25.61 -0.87 -20.66
N ASP A 451 26.08 0.36 -20.54
CA ASP A 451 25.42 1.54 -21.08
C ASP A 451 24.06 1.86 -20.42
N ALA A 452 23.90 1.45 -19.16
CA ALA A 452 22.69 1.75 -18.39
C ALA A 452 22.69 3.27 -18.13
N GLY A 453 21.54 3.89 -18.32
CA GLY A 453 21.35 5.30 -18.04
C GLY A 453 21.25 5.56 -16.55
N PRO A 454 20.79 6.76 -16.16
CA PRO A 454 20.74 7.08 -14.74
C PRO A 454 19.76 6.23 -13.97
N VAL A 455 20.08 5.94 -12.69
CA VAL A 455 19.24 5.18 -11.79
C VAL A 455 18.08 6.12 -11.39
N VAL A 456 16.82 5.68 -11.54
CA VAL A 456 15.68 6.51 -11.18
C VAL A 456 15.37 6.33 -9.71
N VAL A 457 15.31 7.40 -8.93
CA VAL A 457 15.02 7.30 -7.50
C VAL A 457 13.75 8.12 -7.21
N HIS A 458 12.80 7.59 -6.41
CA HIS A 458 11.59 8.33 -6.09
C HIS A 458 10.97 7.93 -4.78
N CYS A 459 10.31 8.89 -4.13
CA CYS A 459 9.52 8.65 -2.92
C CYS A 459 8.14 9.31 -3.20
N SER A 460 7.60 10.21 -2.37
CA SER A 460 6.33 10.88 -2.67
C SER A 460 6.65 12.21 -3.36
N ALA A 461 7.38 13.12 -2.68
CA ALA A 461 7.77 14.40 -3.28
C ALA A 461 9.11 14.32 -4.08
N GLY A 462 9.89 13.28 -3.86
CA GLY A 462 11.17 13.11 -4.54
C GLY A 462 12.30 13.98 -4.04
N ILE A 463 12.27 14.37 -2.76
CA ILE A 463 13.33 15.24 -2.23
C ILE A 463 13.95 14.75 -0.90
N GLY A 464 13.15 14.14 -0.03
CA GLY A 464 13.62 13.72 1.28
C GLY A 464 14.29 12.38 1.32
N ARG A 465 13.50 11.29 1.26
CA ARG A 465 14.10 9.94 1.19
C ARG A 465 14.90 9.81 -0.10
N THR A 466 14.44 10.44 -1.20
CA THR A 466 15.16 10.40 -2.46
C THR A 466 16.56 10.99 -2.33
N GLY A 467 16.66 12.15 -1.70
CA GLY A 467 17.92 12.84 -1.52
C GLY A 467 18.83 12.06 -0.61
N THR A 468 18.25 11.51 0.46
CA THR A 468 18.96 10.68 1.41
C THR A 468 19.57 9.46 0.74
N PHE A 469 18.77 8.67 0.01
CA PHE A 469 19.26 7.49 -0.69
C PHE A 469 20.36 7.84 -1.70
N ILE A 470 20.18 8.89 -2.49
CA ILE A 470 21.17 9.33 -3.49
C ILE A 470 22.49 9.83 -2.84
N VAL A 471 22.41 10.58 -1.74
CA VAL A 471 23.61 11.11 -1.10
C VAL A 471 24.44 9.96 -0.49
N ILE A 472 23.78 8.99 0.21
CA ILE A 472 24.45 7.80 0.71
C ILE A 472 25.10 7.03 -0.43
N ASP A 473 24.37 6.86 -1.54
CA ASP A 473 24.93 6.15 -2.68
C ASP A 473 26.13 6.88 -3.30
N ILE A 474 26.14 8.22 -3.25
CA ILE A 474 27.26 9.00 -3.78
C ILE A 474 28.53 8.84 -2.91
N LEU A 475 28.37 8.97 -1.61
CA LEU A 475 29.45 8.89 -0.64
C LEU A 475 30.02 7.48 -0.56
N ILE A 476 29.15 6.47 -0.68
CA ILE A 476 29.57 5.08 -0.66
C ILE A 476 30.25 4.72 -1.96
N ASP A 477 29.87 5.33 -3.09
CA ASP A 477 30.57 5.10 -4.35
C ASP A 477 32.01 5.61 -4.28
N ILE A 478 32.28 6.68 -3.49
CA ILE A 478 33.61 7.23 -3.33
C ILE A 478 34.48 6.27 -2.51
N ILE A 479 33.97 5.82 -1.37
CA ILE A 479 34.62 4.87 -0.48
C ILE A 479 34.79 3.47 -1.11
N ARG A 480 33.99 3.17 -2.14
CA ARG A 480 33.98 1.92 -2.91
C ARG A 480 35.14 1.90 -3.91
N GLU A 481 35.31 3.00 -4.68
CA GLU A 481 36.35 3.14 -5.68
C GLU A 481 37.71 3.57 -5.07
N LYS A 482 37.76 4.69 -4.34
CA LYS A 482 38.98 5.25 -3.77
C LYS A 482 39.36 4.74 -2.39
N GLY A 483 38.82 3.60 -1.98
CA GLY A 483 39.15 2.97 -0.70
C GLY A 483 38.96 3.82 0.55
N VAL A 484 39.31 3.27 1.72
CA VAL A 484 39.19 3.97 3.00
C VAL A 484 40.08 5.24 3.08
N ASP A 485 41.11 5.35 2.22
CA ASP A 485 41.96 6.53 2.20
C ASP A 485 41.41 7.53 1.19
N CYS A 486 40.23 8.09 1.48
CA CYS A 486 39.60 9.05 0.60
C CYS A 486 38.97 10.19 1.41
N ASP A 487 38.73 11.33 0.76
CA ASP A 487 38.13 12.48 1.43
C ASP A 487 36.65 12.58 1.12
N ILE A 488 35.82 12.59 2.17
CA ILE A 488 34.39 12.77 1.99
C ILE A 488 33.95 14.04 2.72
N ASP A 489 32.97 14.73 2.15
CA ASP A 489 32.44 15.96 2.72
C ASP A 489 30.92 15.87 2.58
N VAL A 490 30.25 15.46 3.67
CA VAL A 490 28.80 15.27 3.65
C VAL A 490 28.01 16.56 3.28
N PRO A 491 28.19 17.73 3.94
CA PRO A 491 27.43 18.91 3.52
C PRO A 491 27.80 19.44 2.13
N LYS A 492 29.05 19.22 1.67
CA LYS A 492 29.39 19.63 0.30
C LYS A 492 28.59 18.79 -0.69
N THR A 493 28.45 17.48 -0.41
CA THR A 493 27.75 16.54 -1.28
C THR A 493 26.26 16.89 -1.36
N ILE A 494 25.67 17.24 -0.20
CA ILE A 494 24.29 17.62 -0.11
C ILE A 494 24.04 18.96 -0.81
N GLN A 495 24.91 19.96 -0.60
CA GLN A 495 24.78 21.24 -1.29
C GLN A 495 24.84 21.06 -2.81
N MET A 496 25.71 20.19 -3.28
CA MET A 496 25.87 19.84 -4.70
C MET A 496 24.59 19.18 -5.30
N VAL A 497 23.99 18.25 -4.55
CA VAL A 497 22.75 17.59 -4.97
C VAL A 497 21.52 18.53 -4.85
N ARG A 498 21.56 19.50 -3.91
CA ARG A 498 20.51 20.50 -3.71
C ARG A 498 20.48 21.57 -4.80
N SER A 499 21.60 21.81 -5.49
CA SER A 499 21.60 22.74 -6.61
C SER A 499 21.04 22.06 -7.88
N GLN A 500 20.80 20.74 -7.85
CA GLN A 500 20.21 20.04 -8.99
C GLN A 500 18.71 19.72 -8.76
N ARG A 501 18.25 19.70 -7.49
CA ARG A 501 16.85 19.51 -7.14
C ARG A 501 16.63 20.11 -5.78
N SER A 502 15.59 20.92 -5.65
CA SER A 502 15.28 21.64 -4.42
C SER A 502 15.11 20.76 -3.24
N GLY A 503 15.70 21.17 -2.12
CA GLY A 503 15.56 20.49 -0.84
C GLY A 503 15.88 19.02 -0.78
N MET A 504 16.88 18.52 -1.55
CA MET A 504 17.29 17.13 -1.42
C MET A 504 17.89 16.95 0.00
N VAL A 505 17.41 15.95 0.78
CA VAL A 505 17.75 15.72 2.20
C VAL A 505 16.95 16.80 2.96
N GLN A 506 15.88 16.39 3.60
CA GLN A 506 14.95 17.29 4.26
C GLN A 506 15.21 17.56 5.73
N THR A 507 15.64 16.55 6.50
CA THR A 507 15.77 16.74 7.95
C THR A 507 17.14 16.45 8.52
N GLU A 508 17.36 16.87 9.78
CA GLU A 508 18.56 16.61 10.55
C GLU A 508 18.64 15.10 10.85
N ALA A 509 17.48 14.42 11.02
CA ALA A 509 17.43 12.98 11.26
C ALA A 509 17.93 12.24 10.02
N GLN A 510 17.64 12.74 8.80
CA GLN A 510 18.16 12.14 7.59
C GLN A 510 19.65 12.39 7.44
N TYR A 511 20.09 13.59 7.77
CA TYR A 511 21.47 14.03 7.71
C TYR A 511 22.34 13.18 8.63
N ARG A 512 21.82 12.88 9.83
CA ARG A 512 22.49 12.04 10.81
C ARG A 512 22.51 10.61 10.27
N PHE A 513 21.39 10.16 9.65
CA PHE A 513 21.28 8.86 9.03
C PHE A 513 22.37 8.67 7.97
N ILE A 514 22.65 9.71 7.17
CA ILE A 514 23.70 9.69 6.17
C ILE A 514 25.08 9.44 6.83
N TYR A 515 25.40 10.14 7.93
CA TYR A 515 26.67 9.96 8.63
C TYR A 515 26.78 8.55 9.17
N MET A 516 25.68 8.05 9.77
CA MET A 516 25.55 6.72 10.36
C MET A 516 25.67 5.62 9.31
N ALA A 517 25.16 5.87 8.09
CA ALA A 517 25.22 4.91 6.99
C ALA A 517 26.62 4.83 6.42
N VAL A 518 27.29 5.97 6.20
CA VAL A 518 28.66 6.01 5.71
C VAL A 518 29.57 5.28 6.75
N GLN A 519 29.37 5.60 8.03
CA GLN A 519 30.09 4.96 9.12
C GLN A 519 29.94 3.43 9.10
N HIS A 520 28.71 2.91 9.01
CA HIS A 520 28.44 1.49 9.00
C HIS A 520 29.07 0.81 7.77
N TYR A 521 29.06 1.48 6.63
CA TYR A 521 29.67 0.94 5.42
C TYR A 521 31.18 0.75 5.60
N ILE A 522 31.84 1.76 6.17
CA ILE A 522 33.27 1.79 6.42
C ILE A 522 33.67 0.73 7.46
N GLU A 523 32.85 0.54 8.51
CA GLU A 523 33.12 -0.42 9.58
C GLU A 523 33.02 -1.88 9.12
N THR A 524 32.15 -2.16 8.14
CA THR A 524 31.97 -3.50 7.61
C THR A 524 32.79 -3.70 6.33
N LEU A 525 33.95 -3.04 6.24
CA LEU A 525 34.85 -3.10 5.10
C LEU A 525 36.21 -3.67 5.51
N ARG B 4 -24.80 -33.10 -6.86
CA ARG B 4 -23.94 -32.28 -7.73
C ARG B 4 -22.99 -33.10 -8.63
N ARG B 5 -23.40 -34.31 -9.06
CA ARG B 5 -22.52 -35.13 -9.91
C ARG B 5 -22.39 -34.59 -11.35
N TRP B 6 -23.24 -33.64 -11.76
CA TRP B 6 -23.19 -33.09 -13.11
C TRP B 6 -21.98 -32.19 -13.32
N PHE B 7 -21.25 -31.81 -12.25
CA PHE B 7 -20.07 -30.97 -12.40
C PHE B 7 -18.85 -31.86 -12.62
N HIS B 8 -18.21 -31.69 -13.77
CA HIS B 8 -17.04 -32.47 -14.13
C HIS B 8 -15.85 -31.54 -14.07
N PRO B 9 -14.99 -31.64 -13.06
CA PRO B 9 -13.88 -30.69 -12.92
C PRO B 9 -12.71 -30.80 -13.89
N ASN B 10 -12.43 -32.00 -14.40
CA ASN B 10 -11.24 -32.20 -15.24
C ASN B 10 -11.51 -32.50 -16.69
N ILE B 11 -12.72 -32.22 -17.17
CA ILE B 11 -13.08 -32.53 -18.55
C ILE B 11 -12.93 -31.33 -19.50
N THR B 12 -12.61 -31.61 -20.77
CA THR B 12 -12.49 -30.58 -21.81
C THR B 12 -13.83 -30.49 -22.58
N GLY B 13 -13.94 -29.54 -23.50
CA GLY B 13 -15.14 -29.39 -24.31
C GLY B 13 -15.33 -30.55 -25.26
N VAL B 14 -14.21 -31.08 -25.82
CA VAL B 14 -14.25 -32.21 -26.73
C VAL B 14 -14.62 -33.48 -25.94
N GLU B 15 -14.06 -33.65 -24.73
CA GLU B 15 -14.40 -34.79 -23.90
C GLU B 15 -15.89 -34.76 -23.47
N ALA B 16 -16.39 -33.59 -23.03
CA ALA B 16 -17.79 -33.43 -22.63
C ALA B 16 -18.74 -33.66 -23.79
N GLU B 17 -18.35 -33.23 -25.00
CA GLU B 17 -19.16 -33.41 -26.20
C GLU B 17 -19.34 -34.90 -26.48
N ASN B 18 -18.25 -35.69 -26.46
CA ASN B 18 -18.32 -37.13 -26.70
C ASN B 18 -19.02 -37.86 -25.56
N LEU B 19 -18.91 -37.34 -24.34
CA LEU B 19 -19.56 -37.92 -23.19
C LEU B 19 -21.08 -37.75 -23.33
N LEU B 20 -21.54 -36.57 -23.79
CA LEU B 20 -22.98 -36.34 -23.97
C LEU B 20 -23.54 -37.11 -25.17
N LEU B 21 -22.73 -37.33 -26.23
CA LEU B 21 -23.19 -38.05 -27.40
C LEU B 21 -23.17 -39.58 -27.24
N THR B 22 -22.20 -40.12 -26.48
CA THR B 22 -22.11 -41.58 -26.31
C THR B 22 -22.81 -42.11 -25.03
N ARG B 23 -22.83 -41.32 -23.95
CA ARG B 23 -23.45 -41.76 -22.69
C ARG B 23 -24.70 -40.97 -22.28
N GLY B 24 -25.07 -39.98 -23.06
CA GLY B 24 -26.24 -39.17 -22.77
C GLY B 24 -27.30 -39.25 -23.84
N VAL B 25 -28.43 -38.60 -23.56
CA VAL B 25 -29.58 -38.53 -24.46
C VAL B 25 -29.99 -37.04 -24.63
N ASP B 26 -31.04 -36.74 -25.43
CA ASP B 26 -31.52 -35.37 -25.57
C ASP B 26 -32.01 -34.89 -24.20
N GLY B 27 -31.46 -33.76 -23.74
CA GLY B 27 -31.77 -33.26 -22.41
C GLY B 27 -30.65 -33.49 -21.41
N SER B 28 -29.66 -34.35 -21.77
CA SER B 28 -28.52 -34.59 -20.90
C SER B 28 -27.65 -33.35 -20.82
N PHE B 29 -27.03 -33.15 -19.65
CA PHE B 29 -26.20 -31.97 -19.42
C PHE B 29 -25.17 -32.21 -18.37
N LEU B 30 -24.15 -31.37 -18.40
CA LEU B 30 -23.12 -31.33 -17.39
C LEU B 30 -22.61 -29.87 -17.32
N ALA B 31 -21.89 -29.54 -16.25
CA ALA B 31 -21.20 -28.27 -16.12
C ALA B 31 -19.72 -28.58 -15.89
N ARG B 32 -18.84 -27.72 -16.36
CA ARG B 32 -17.40 -27.96 -16.24
C ARG B 32 -16.64 -26.63 -16.25
N PRO B 33 -15.37 -26.59 -15.79
CA PRO B 33 -14.60 -25.33 -15.92
C PRO B 33 -14.38 -24.99 -17.40
N SER B 34 -14.25 -23.70 -17.71
CA SER B 34 -13.98 -23.26 -19.08
C SER B 34 -12.49 -23.40 -19.31
N LYS B 35 -12.11 -24.10 -20.39
CA LYS B 35 -10.71 -24.27 -20.69
C LYS B 35 -10.13 -23.04 -21.39
N SER B 36 -10.91 -22.43 -22.27
CA SER B 36 -10.46 -21.25 -23.00
C SER B 36 -10.35 -20.02 -22.07
N ASN B 37 -11.31 -19.85 -21.15
CA ASN B 37 -11.28 -18.72 -20.23
C ASN B 37 -11.24 -19.17 -18.78
N PRO B 38 -10.04 -19.49 -18.25
CA PRO B 38 -9.94 -19.93 -16.84
C PRO B 38 -10.59 -18.94 -15.88
N GLY B 39 -11.43 -19.47 -15.00
CA GLY B 39 -12.26 -18.66 -14.11
C GLY B 39 -13.72 -18.70 -14.53
N ASP B 40 -14.01 -19.06 -15.80
CA ASP B 40 -15.36 -19.19 -16.28
C ASP B 40 -15.78 -20.68 -16.21
N PHE B 41 -17.01 -20.97 -16.59
CA PHE B 41 -17.59 -22.30 -16.58
C PHE B 41 -18.41 -22.47 -17.83
N THR B 42 -18.73 -23.71 -18.16
CA THR B 42 -19.54 -24.00 -19.32
C THR B 42 -20.60 -24.99 -18.93
N LEU B 43 -21.80 -24.76 -19.39
CA LEU B 43 -22.92 -25.67 -19.20
C LEU B 43 -23.02 -26.35 -20.56
N SER B 44 -22.66 -27.64 -20.67
CA SER B 44 -22.71 -28.38 -21.94
C SER B 44 -24.00 -29.18 -21.97
N VAL B 45 -24.89 -28.90 -22.94
CA VAL B 45 -26.20 -29.54 -23.05
C VAL B 45 -26.41 -30.27 -24.37
N ARG B 46 -26.91 -31.50 -24.32
CA ARG B 46 -27.26 -32.25 -25.52
C ARG B 46 -28.70 -31.89 -25.91
N ARG B 47 -28.88 -31.42 -27.13
CA ARG B 47 -30.18 -31.03 -27.66
C ARG B 47 -30.20 -31.36 -29.16
N ASN B 48 -31.33 -31.89 -29.65
CA ASN B 48 -31.53 -32.25 -31.05
C ASN B 48 -30.35 -32.99 -31.69
N GLY B 49 -29.81 -33.99 -30.98
CA GLY B 49 -28.69 -34.79 -31.48
C GLY B 49 -27.32 -34.13 -31.44
N ALA B 50 -27.23 -32.88 -30.99
CA ALA B 50 -25.95 -32.16 -30.95
C ALA B 50 -25.68 -31.47 -29.59
N VAL B 51 -24.42 -31.14 -29.31
CA VAL B 51 -24.02 -30.52 -28.07
C VAL B 51 -23.82 -29.00 -28.16
N THR B 52 -24.56 -28.23 -27.34
CA THR B 52 -24.38 -26.79 -27.26
C THR B 52 -23.66 -26.45 -25.96
N HIS B 53 -22.75 -25.48 -26.03
CA HIS B 53 -21.98 -25.06 -24.88
C HIS B 53 -22.39 -23.64 -24.54
N ILE B 54 -22.85 -23.43 -23.29
CA ILE B 54 -23.29 -22.12 -22.84
C ILE B 54 -22.32 -21.65 -21.77
N LYS B 55 -21.73 -20.48 -21.97
CA LYS B 55 -20.76 -19.95 -21.02
C LYS B 55 -21.42 -19.38 -19.76
N ILE B 56 -20.76 -19.58 -18.64
CA ILE B 56 -21.13 -19.03 -17.36
C ILE B 56 -19.93 -18.24 -16.90
N GLN B 57 -20.09 -16.96 -16.73
CA GLN B 57 -19.02 -16.10 -16.27
C GLN B 57 -19.17 -15.80 -14.81
N ASN B 58 -18.04 -15.70 -14.12
CA ASN B 58 -18.04 -15.25 -12.75
C ASN B 58 -16.81 -14.42 -12.50
N THR B 59 -16.98 -13.10 -12.44
CA THR B 59 -15.85 -12.21 -12.12
C THR B 59 -15.73 -11.91 -10.63
N GLY B 60 -16.63 -12.47 -9.82
CA GLY B 60 -16.59 -12.32 -8.37
C GLY B 60 -17.89 -11.89 -7.73
N ASP B 61 -18.92 -11.58 -8.52
CA ASP B 61 -20.20 -11.09 -8.00
C ASP B 61 -21.32 -12.10 -8.06
N TYR B 62 -21.37 -12.93 -9.14
CA TYR B 62 -22.41 -13.92 -9.38
C TYR B 62 -22.07 -14.78 -10.62
N TYR B 63 -22.80 -15.87 -10.82
CA TYR B 63 -22.64 -16.71 -11.99
C TYR B 63 -23.59 -16.12 -13.05
N ASP B 64 -23.04 -15.57 -14.11
CA ASP B 64 -23.82 -14.93 -15.16
C ASP B 64 -23.91 -15.88 -16.34
N LEU B 65 -25.07 -16.50 -16.51
CA LEU B 65 -25.32 -17.46 -17.57
C LEU B 65 -25.66 -16.72 -18.87
N TYR B 66 -24.87 -16.94 -19.94
CA TYR B 66 -25.05 -16.28 -21.23
C TYR B 66 -26.43 -16.57 -21.82
N GLY B 67 -27.23 -15.54 -22.01
CA GLY B 67 -28.59 -15.69 -22.50
C GLY B 67 -29.54 -16.31 -21.48
N GLY B 68 -29.14 -16.29 -20.21
CA GLY B 68 -29.88 -16.81 -19.07
C GLY B 68 -29.87 -15.84 -17.91
N GLU B 69 -30.03 -16.35 -16.69
CA GLU B 69 -30.10 -15.48 -15.51
C GLU B 69 -28.76 -15.42 -14.70
N LYS B 70 -28.75 -14.62 -13.62
CA LYS B 70 -27.61 -14.48 -12.71
C LYS B 70 -27.90 -15.30 -11.46
N PHE B 71 -26.90 -16.04 -10.95
CA PHE B 71 -27.11 -16.97 -9.86
C PHE B 71 -26.06 -16.88 -8.76
N ALA B 72 -26.43 -17.28 -7.55
CA ALA B 72 -25.49 -17.27 -6.42
C ALA B 72 -24.54 -18.48 -6.48
N THR B 73 -25.02 -19.62 -6.95
CA THR B 73 -24.21 -20.83 -7.06
C THR B 73 -24.58 -21.61 -8.35
N LEU B 74 -23.71 -22.53 -8.80
CA LEU B 74 -24.04 -23.42 -9.93
C LEU B 74 -25.17 -24.44 -9.58
N ALA B 75 -25.24 -24.90 -8.32
CA ALA B 75 -26.31 -25.81 -7.91
C ALA B 75 -27.66 -25.10 -7.98
N GLU B 76 -27.71 -23.81 -7.57
CA GLU B 76 -28.94 -23.03 -7.65
C GLU B 76 -29.32 -22.76 -9.09
N LEU B 77 -28.34 -22.58 -9.99
CA LEU B 77 -28.57 -22.39 -11.42
C LEU B 77 -29.24 -23.63 -11.98
N VAL B 78 -28.65 -24.80 -11.73
CA VAL B 78 -29.17 -26.07 -12.23
C VAL B 78 -30.51 -26.38 -11.59
N GLN B 79 -30.68 -26.16 -10.27
CA GLN B 79 -31.97 -26.39 -9.61
C GLN B 79 -33.06 -25.50 -10.23
N TYR B 80 -32.71 -24.25 -10.53
CA TYR B 80 -33.65 -23.29 -11.12
C TYR B 80 -34.13 -23.75 -12.48
N TYR B 81 -33.24 -24.14 -13.39
CA TYR B 81 -33.63 -24.56 -14.73
C TYR B 81 -34.23 -25.96 -14.79
N MET B 82 -33.81 -26.86 -13.87
CA MET B 82 -34.39 -28.20 -13.82
C MET B 82 -35.85 -28.16 -13.29
N GLU B 83 -36.25 -27.08 -12.62
CA GLU B 83 -37.60 -26.90 -12.13
C GLU B 83 -38.43 -25.99 -13.06
N HIS B 84 -37.77 -25.09 -13.83
CA HIS B 84 -38.41 -24.12 -14.73
C HIS B 84 -38.09 -24.44 -16.20
N HIS B 85 -38.89 -25.31 -16.82
CA HIS B 85 -38.70 -25.68 -18.22
C HIS B 85 -39.22 -24.59 -19.15
N GLY B 86 -38.41 -24.22 -20.13
CA GLY B 86 -38.75 -23.16 -21.06
C GLY B 86 -38.04 -21.84 -20.79
N GLN B 87 -37.41 -21.70 -19.60
CA GLN B 87 -36.72 -20.48 -19.20
C GLN B 87 -35.35 -20.34 -19.84
N LEU B 88 -34.63 -21.45 -20.02
CA LEU B 88 -33.31 -21.38 -20.67
C LEU B 88 -33.52 -21.35 -22.20
N LYS B 89 -33.14 -20.24 -22.85
CA LYS B 89 -33.29 -20.07 -24.28
C LYS B 89 -31.94 -19.94 -24.99
N GLY B 93 -33.39 -17.61 -30.29
CA GLY B 93 -33.74 -17.83 -28.88
C GLY B 93 -34.47 -19.14 -28.65
N ASP B 94 -33.86 -20.26 -29.10
CA ASP B 94 -34.44 -21.60 -28.98
C ASP B 94 -34.43 -22.13 -27.56
N VAL B 95 -35.58 -22.66 -27.10
CA VAL B 95 -35.70 -23.20 -25.74
C VAL B 95 -34.86 -24.48 -25.55
N ILE B 96 -34.01 -24.50 -24.51
CA ILE B 96 -33.13 -25.62 -24.20
C ILE B 96 -33.54 -26.28 -22.88
N GLU B 97 -33.65 -27.61 -22.92
CA GLU B 97 -34.11 -28.38 -21.79
C GLU B 97 -32.95 -29.01 -21.00
N LEU B 98 -32.93 -28.85 -19.65
CA LEU B 98 -31.96 -29.50 -18.76
C LEU B 98 -32.73 -30.62 -18.08
N LYS B 99 -32.68 -31.82 -18.62
CA LYS B 99 -33.44 -32.95 -18.06
C LYS B 99 -32.60 -33.95 -17.31
N TYR B 100 -31.46 -34.41 -17.89
CA TYR B 100 -30.68 -35.49 -17.30
C TYR B 100 -29.27 -35.12 -16.95
N PRO B 101 -28.96 -34.99 -15.66
CA PRO B 101 -27.56 -34.71 -15.28
C PRO B 101 -26.68 -35.90 -15.65
N LEU B 102 -25.57 -35.64 -16.32
CA LEU B 102 -24.63 -36.68 -16.71
C LEU B 102 -23.63 -36.70 -15.60
N ASN B 103 -23.67 -37.76 -14.80
CA ASN B 103 -22.84 -37.89 -13.62
C ASN B 103 -21.38 -38.20 -13.90
N CYS B 104 -20.54 -37.52 -13.14
CA CYS B 104 -19.09 -37.59 -13.22
C CYS B 104 -18.60 -38.66 -12.28
N ALA B 105 -17.68 -39.51 -12.76
CA ALA B 105 -17.14 -40.58 -11.92
C ALA B 105 -15.76 -40.22 -11.28
N ASP B 106 -15.17 -39.09 -11.68
CA ASP B 106 -13.89 -38.57 -11.21
C ASP B 106 -14.05 -38.14 -9.74
N PRO B 107 -13.27 -38.74 -8.84
CA PRO B 107 -13.39 -38.39 -7.41
C PRO B 107 -12.56 -37.20 -6.95
N THR B 108 -11.90 -36.42 -7.85
CA THR B 108 -11.01 -35.34 -7.40
C THR B 108 -11.67 -34.31 -6.47
N SER B 109 -12.96 -33.98 -6.64
CA SER B 109 -13.62 -33.01 -5.76
C SER B 109 -14.24 -33.58 -4.49
N GLU B 110 -14.01 -34.85 -4.16
CA GLU B 110 -14.57 -35.42 -2.94
C GLU B 110 -13.73 -35.02 -1.74
N ARG B 111 -14.37 -34.79 -0.58
CA ARG B 111 -13.67 -34.40 0.62
C ARG B 111 -12.74 -35.51 1.17
N TRP B 112 -13.11 -36.76 0.90
CA TRP B 112 -12.38 -37.95 1.36
C TRP B 112 -11.28 -38.39 0.39
N PHE B 113 -11.28 -37.89 -0.85
CA PHE B 113 -10.29 -38.28 -1.83
C PHE B 113 -9.01 -37.46 -1.72
N HIS B 114 -7.86 -38.13 -1.64
CA HIS B 114 -6.59 -37.45 -1.49
C HIS B 114 -5.55 -37.78 -2.56
N GLY B 115 -6.00 -38.30 -3.70
CA GLY B 115 -5.17 -38.64 -4.85
C GLY B 115 -3.84 -39.31 -4.54
N HIS B 116 -2.75 -38.64 -4.95
CA HIS B 116 -1.42 -39.17 -4.68
C HIS B 116 -1.04 -38.89 -3.22
N LEU B 117 -1.18 -39.89 -2.37
CA LEU B 117 -0.85 -39.79 -0.95
C LEU B 117 -0.29 -41.14 -0.54
N SER B 118 0.91 -41.17 0.03
CA SER B 118 1.54 -42.42 0.44
C SER B 118 0.85 -43.02 1.66
N GLY B 119 0.96 -44.34 1.81
CA GLY B 119 0.33 -45.07 2.91
C GLY B 119 0.84 -44.68 4.27
N LYS B 120 2.09 -44.22 4.34
CA LYS B 120 2.69 -43.80 5.60
C LYS B 120 2.10 -42.44 5.98
N GLU B 121 2.05 -41.50 5.02
CA GLU B 121 1.45 -40.18 5.21
C GLU B 121 -0.03 -40.31 5.60
N ALA B 122 -0.78 -41.22 4.95
CA ALA B 122 -2.19 -41.44 5.23
C ALA B 122 -2.42 -41.96 6.65
N GLU B 123 -1.52 -42.82 7.13
CA GLU B 123 -1.61 -43.38 8.48
C GLU B 123 -1.24 -42.35 9.55
N LYS B 124 -0.27 -41.47 9.26
CA LYS B 124 0.13 -40.42 10.20
C LYS B 124 -1.00 -39.40 10.31
N LEU B 125 -1.63 -39.04 9.15
CA LEU B 125 -2.76 -38.12 9.09
C LEU B 125 -3.95 -38.61 9.92
N LEU B 126 -4.33 -39.91 9.77
CA LEU B 126 -5.43 -40.46 10.57
C LEU B 126 -5.07 -40.64 12.05
N THR B 127 -3.77 -40.64 12.39
CA THR B 127 -3.34 -40.81 13.77
C THR B 127 -3.47 -39.50 14.57
N GLU B 128 -2.95 -38.38 14.03
CA GLU B 128 -2.99 -37.11 14.74
C GLU B 128 -4.24 -36.29 14.47
N LYS B 129 -4.77 -36.31 13.25
CA LYS B 129 -5.96 -35.53 12.92
C LYS B 129 -7.27 -36.29 13.15
N GLY B 130 -7.22 -37.61 12.92
CA GLY B 130 -8.40 -38.46 12.98
C GLY B 130 -9.08 -38.68 14.32
N LYS B 131 -10.35 -39.02 14.24
CA LYS B 131 -11.23 -39.42 15.33
C LYS B 131 -12.01 -40.68 14.85
N HIS B 132 -12.98 -41.20 15.63
CA HIS B 132 -13.70 -42.41 15.23
C HIS B 132 -14.57 -42.17 13.97
N GLY B 133 -14.38 -43.00 12.95
CA GLY B 133 -15.12 -42.92 11.70
C GLY B 133 -14.50 -42.05 10.63
N SER B 134 -13.30 -41.50 10.91
CA SER B 134 -12.61 -40.64 9.94
C SER B 134 -12.00 -41.51 8.88
N PHE B 135 -12.25 -41.17 7.62
CA PHE B 135 -11.76 -41.97 6.52
C PHE B 135 -11.18 -41.14 5.39
N LEU B 136 -10.49 -41.80 4.49
CA LEU B 136 -9.91 -41.23 3.31
C LEU B 136 -9.70 -42.31 2.26
N VAL B 137 -9.61 -41.91 1.01
CA VAL B 137 -9.31 -42.79 -0.08
C VAL B 137 -8.13 -42.15 -0.84
N ARG B 138 -7.10 -42.95 -1.13
CA ARG B 138 -5.91 -42.51 -1.84
C ARG B 138 -5.53 -43.51 -2.93
N GLU B 139 -4.74 -43.07 -3.92
CA GLU B 139 -4.26 -43.94 -4.97
C GLU B 139 -3.25 -44.93 -4.41
N SER B 140 -3.26 -46.18 -4.93
CA SER B 140 -2.35 -47.22 -4.52
C SER B 140 -1.22 -47.41 -5.55
N PRO B 144 -1.10 -49.30 -8.52
CA PRO B 144 -1.39 -48.41 -9.67
C PRO B 144 -2.72 -48.76 -10.30
N GLY B 145 -3.62 -47.77 -10.37
CA GLY B 145 -4.96 -47.97 -10.91
C GLY B 145 -5.97 -48.29 -9.81
N ASP B 146 -5.48 -48.93 -8.73
CA ASP B 146 -6.21 -49.32 -7.54
C ASP B 146 -6.14 -48.22 -6.45
N PHE B 147 -6.95 -48.35 -5.41
CA PHE B 147 -7.05 -47.35 -4.35
C PHE B 147 -7.00 -48.01 -2.96
N VAL B 148 -6.83 -47.20 -1.90
CA VAL B 148 -6.80 -47.69 -0.53
C VAL B 148 -7.75 -46.85 0.29
N LEU B 149 -8.64 -47.48 1.03
CA LEU B 149 -9.60 -46.81 1.88
C LEU B 149 -9.15 -47.06 3.31
N SER B 150 -8.71 -45.99 4.00
CA SER B 150 -8.21 -46.12 5.35
C SER B 150 -9.17 -45.48 6.32
N VAL B 151 -9.58 -46.21 7.36
CA VAL B 151 -10.56 -45.75 8.33
C VAL B 151 -10.07 -45.85 9.79
N ARG B 152 -10.32 -44.82 10.58
CA ARG B 152 -10.02 -44.80 11.99
C ARG B 152 -11.27 -45.32 12.74
N THR B 153 -11.11 -46.23 13.72
CA THR B 153 -12.24 -46.73 14.51
C THR B 153 -11.94 -46.64 16.01
N SER B 165 -8.04 -47.39 19.76
CA SER B 165 -8.27 -46.92 18.40
C SER B 165 -7.33 -47.56 17.37
N LYS B 166 -7.79 -47.72 16.12
CA LYS B 166 -6.95 -48.33 15.08
C LYS B 166 -7.23 -47.79 13.67
N VAL B 167 -6.28 -47.97 12.74
CA VAL B 167 -6.47 -47.58 11.37
C VAL B 167 -6.54 -48.85 10.51
N THR B 168 -7.63 -49.04 9.78
CA THR B 168 -7.81 -50.22 8.94
C THR B 168 -7.70 -49.86 7.48
N HIS B 169 -6.94 -50.63 6.71
CA HIS B 169 -6.79 -50.38 5.28
C HIS B 169 -7.57 -51.42 4.48
N VAL B 170 -8.47 -50.95 3.60
CA VAL B 170 -9.32 -51.77 2.74
C VAL B 170 -8.88 -51.53 1.30
N MET B 171 -8.28 -52.55 0.68
CA MET B 171 -7.83 -52.43 -0.70
C MET B 171 -9.02 -52.36 -1.63
N ILE B 172 -9.03 -51.39 -2.53
CA ILE B 172 -10.10 -51.20 -3.49
C ILE B 172 -9.44 -51.45 -4.81
N ARG B 173 -9.82 -52.53 -5.50
CA ARG B 173 -9.18 -52.82 -6.77
C ARG B 173 -10.04 -52.41 -7.94
N CYS B 174 -9.37 -52.00 -9.01
CA CYS B 174 -10.04 -51.56 -10.21
C CYS B 174 -9.95 -52.66 -11.25
N GLN B 175 -11.06 -53.33 -11.50
CA GLN B 175 -11.11 -54.40 -12.49
C GLN B 175 -12.10 -53.98 -13.57
N GLU B 176 -11.66 -53.96 -14.83
CA GLU B 176 -12.47 -53.61 -16.00
C GLU B 176 -13.37 -52.38 -15.80
N LEU B 177 -12.77 -51.25 -15.37
CA LEU B 177 -13.45 -49.97 -15.14
C LEU B 177 -14.45 -49.96 -13.97
N LYS B 178 -14.47 -51.03 -13.16
CA LYS B 178 -15.33 -51.11 -11.99
C LYS B 178 -14.50 -51.26 -10.71
N TYR B 179 -15.04 -50.80 -9.58
CA TYR B 179 -14.30 -50.84 -8.32
C TYR B 179 -14.96 -51.75 -7.29
N ASP B 180 -14.15 -52.49 -6.52
CA ASP B 180 -14.68 -53.39 -5.50
C ASP B 180 -13.72 -53.54 -4.30
N VAL B 181 -14.24 -53.95 -3.14
CA VAL B 181 -13.40 -54.16 -1.96
C VAL B 181 -12.99 -55.63 -1.76
N GLY B 182 -12.93 -56.39 -2.84
CA GLY B 182 -12.56 -57.79 -2.77
C GLY B 182 -13.73 -58.73 -3.02
N GLY B 183 -14.92 -58.28 -2.68
CA GLY B 183 -16.12 -59.08 -2.89
C GLY B 183 -17.39 -58.27 -2.82
N GLY B 184 -18.47 -58.86 -3.32
CA GLY B 184 -19.79 -58.24 -3.32
C GLY B 184 -20.04 -57.44 -4.56
N GLU B 185 -20.65 -56.27 -4.40
CA GLU B 185 -20.96 -55.37 -5.49
C GLU B 185 -19.75 -54.69 -6.12
N ARG B 186 -19.82 -54.50 -7.44
CA ARG B 186 -18.82 -53.79 -8.22
C ARG B 186 -19.43 -52.41 -8.58
N PHE B 187 -18.64 -51.33 -8.46
CA PHE B 187 -19.16 -49.97 -8.65
C PHE B 187 -18.63 -49.24 -9.88
N ASP B 188 -19.43 -48.33 -10.43
CA ASP B 188 -19.01 -47.55 -11.61
C ASP B 188 -18.00 -46.43 -11.28
N SER B 189 -17.84 -46.10 -9.98
CA SER B 189 -16.94 -45.03 -9.50
C SER B 189 -16.60 -45.25 -8.00
N LEU B 190 -15.57 -44.55 -7.50
CA LEU B 190 -15.22 -44.58 -6.09
C LEU B 190 -16.30 -43.94 -5.25
N THR B 191 -16.99 -42.92 -5.79
CA THR B 191 -18.07 -42.23 -5.10
C THR B 191 -19.20 -43.22 -4.76
N ASP B 192 -19.62 -44.05 -5.76
CA ASP B 192 -20.68 -45.06 -5.60
C ASP B 192 -20.30 -46.06 -4.52
N LEU B 193 -19.05 -46.53 -4.58
CA LEU B 193 -18.49 -47.48 -3.62
C LEU B 193 -18.50 -46.89 -2.22
N VAL B 194 -18.00 -45.65 -2.04
CA VAL B 194 -17.97 -44.98 -0.76
C VAL B 194 -19.37 -44.78 -0.20
N GLU B 195 -20.31 -44.30 -1.03
CA GLU B 195 -21.69 -44.08 -0.64
C GLU B 195 -22.36 -45.35 -0.13
N HIS B 196 -22.12 -46.47 -0.82
CA HIS B 196 -22.68 -47.77 -0.47
C HIS B 196 -22.10 -48.24 0.86
N TYR B 197 -20.78 -48.10 1.05
CA TYR B 197 -20.18 -48.57 2.30
C TYR B 197 -20.39 -47.57 3.48
N LYS B 198 -20.88 -46.35 3.20
CA LYS B 198 -21.30 -45.42 4.26
C LYS B 198 -22.69 -45.86 4.75
N LYS B 199 -23.56 -46.38 3.85
CA LYS B 199 -24.92 -46.80 4.20
C LYS B 199 -24.96 -48.23 4.74
N ASN B 200 -24.19 -49.13 4.13
CA ASN B 200 -24.06 -50.54 4.47
C ASN B 200 -22.59 -50.73 4.87
N PRO B 201 -22.25 -50.49 6.14
CA PRO B 201 -20.83 -50.55 6.52
C PRO B 201 -20.24 -51.94 6.61
N MET B 202 -18.99 -52.06 6.19
CA MET B 202 -18.25 -53.32 6.26
C MET B 202 -18.05 -53.71 7.73
N VAL B 203 -18.10 -55.00 8.04
CA VAL B 203 -17.92 -55.48 9.42
C VAL B 203 -16.86 -56.55 9.40
N GLU B 204 -15.84 -56.42 10.25
CA GLU B 204 -14.79 -57.46 10.34
C GLU B 204 -15.35 -58.66 11.14
N THR B 205 -14.74 -59.85 10.98
CA THR B 205 -15.22 -61.08 11.64
C THR B 205 -15.42 -60.95 13.16
N LEU B 206 -14.53 -60.19 13.81
CA LEU B 206 -14.63 -60.01 15.26
C LEU B 206 -15.56 -58.84 15.69
N GLY B 207 -16.44 -58.42 14.79
CA GLY B 207 -17.45 -57.39 15.08
C GLY B 207 -17.11 -55.93 14.88
N THR B 208 -15.89 -55.57 14.39
CA THR B 208 -15.57 -54.15 14.21
C THR B 208 -16.25 -53.61 12.94
N VAL B 209 -17.17 -52.68 13.13
CA VAL B 209 -17.91 -52.06 12.03
C VAL B 209 -17.05 -50.92 11.48
N LEU B 210 -16.60 -51.02 10.22
CA LEU B 210 -15.79 -49.97 9.62
C LEU B 210 -16.69 -48.82 9.14
N GLN B 211 -17.14 -48.00 10.09
CA GLN B 211 -18.02 -46.87 9.83
C GLN B 211 -17.31 -45.75 9.11
N LEU B 212 -17.89 -45.27 8.01
CA LEU B 212 -17.31 -44.16 7.27
C LEU B 212 -18.12 -42.94 7.71
N LYS B 213 -17.87 -42.46 8.93
CA LYS B 213 -18.65 -41.38 9.52
C LYS B 213 -18.39 -40.02 8.91
N GLN B 214 -17.13 -39.65 8.71
CA GLN B 214 -16.80 -38.35 8.14
C GLN B 214 -15.44 -38.38 7.44
N PRO B 215 -15.22 -37.56 6.41
CA PRO B 215 -13.88 -37.50 5.80
C PRO B 215 -12.90 -36.92 6.81
N LEU B 216 -11.64 -37.40 6.76
CA LEU B 216 -10.58 -36.89 7.62
C LEU B 216 -10.35 -35.40 7.30
N ASN B 217 -10.28 -34.54 8.33
CA ASN B 217 -10.07 -33.12 8.10
C ASN B 217 -8.60 -32.85 7.91
N THR B 218 -8.25 -32.32 6.75
CA THR B 218 -6.88 -31.95 6.41
C THR B 218 -6.73 -30.44 6.11
N THR B 219 -7.84 -29.69 6.07
CA THR B 219 -7.82 -28.26 5.77
C THR B 219 -7.64 -27.39 7.05
N ARG B 220 -7.89 -27.94 8.23
CA ARG B 220 -7.69 -27.21 9.46
C ARG B 220 -6.19 -27.16 9.74
N ILE B 221 -5.67 -25.97 9.88
CA ILE B 221 -4.26 -25.76 10.13
C ILE B 221 -4.07 -24.87 11.33
N ASN B 222 -2.90 -24.98 11.99
CA ASN B 222 -2.54 -24.05 13.05
C ASN B 222 -2.17 -22.74 12.30
N ALA B 223 -2.53 -21.61 12.89
CA ALA B 223 -2.30 -20.32 12.26
C ALA B 223 -0.83 -20.06 11.90
N ALA B 224 0.12 -20.54 12.72
CA ALA B 224 1.55 -20.35 12.43
C ALA B 224 2.05 -21.17 11.23
N GLU B 225 1.31 -22.21 10.82
CA GLU B 225 1.72 -23.03 9.67
C GLU B 225 1.02 -22.60 8.36
N ILE B 226 0.38 -21.38 8.32
CA ILE B 226 -0.32 -20.79 7.16
C ILE B 226 0.59 -20.61 5.94
N GLU B 227 1.78 -20.03 6.11
CA GLU B 227 2.72 -19.81 5.00
C GLU B 227 3.14 -21.14 4.37
N SER B 228 3.32 -22.16 5.21
CA SER B 228 3.68 -23.49 4.74
C SER B 228 2.54 -24.06 3.88
N ARG B 229 1.28 -23.87 4.31
CA ARG B 229 0.12 -24.34 3.56
C ARG B 229 -0.12 -23.55 2.28
N VAL B 230 0.05 -22.22 2.30
CA VAL B 230 -0.15 -21.40 1.11
C VAL B 230 0.85 -21.76 0.00
N ARG B 231 2.06 -22.17 0.40
CA ARG B 231 3.13 -22.57 -0.52
C ARG B 231 2.84 -23.97 -1.07
N GLU B 232 2.28 -24.87 -0.24
CA GLU B 232 1.87 -26.21 -0.60
C GLU B 232 0.69 -26.14 -1.59
N LEU B 233 -0.30 -25.25 -1.32
CA LEU B 233 -1.44 -25.03 -2.23
C LEU B 233 -1.02 -24.33 -3.52
N SER B 234 0.12 -23.61 -3.53
CA SER B 234 0.60 -22.93 -4.72
C SER B 234 1.42 -23.83 -5.64
N LYS B 235 1.99 -24.93 -5.13
CA LYS B 235 2.87 -25.87 -5.85
C LYS B 235 2.34 -26.40 -7.24
N GLN B 245 -3.19 -26.24 -9.59
CA GLN B 245 -2.66 -26.09 -8.23
C GLN B 245 -3.53 -26.78 -7.15
N GLY B 246 -3.00 -26.89 -5.94
CA GLY B 246 -3.74 -27.41 -4.81
C GLY B 246 -4.86 -26.45 -4.39
N PHE B 247 -4.70 -25.15 -4.67
CA PHE B 247 -5.71 -24.14 -4.37
C PHE B 247 -7.01 -24.42 -5.12
N TRP B 248 -6.86 -24.81 -6.40
CA TRP B 248 -7.99 -25.13 -7.27
C TRP B 248 -8.69 -26.40 -6.80
N GLU B 249 -7.92 -27.41 -6.42
CA GLU B 249 -8.45 -28.68 -5.91
C GLU B 249 -9.26 -28.46 -4.64
N GLU B 250 -8.73 -27.66 -3.71
CA GLU B 250 -9.39 -27.36 -2.45
C GLU B 250 -10.68 -26.56 -2.69
N PHE B 251 -10.60 -25.56 -3.56
CA PHE B 251 -11.74 -24.72 -3.90
C PHE B 251 -12.89 -25.53 -4.52
N GLU B 252 -12.56 -26.34 -5.52
CA GLU B 252 -13.55 -27.19 -6.17
C GLU B 252 -14.13 -28.28 -5.25
N THR B 253 -13.38 -28.74 -4.25
CA THR B 253 -13.92 -29.69 -3.27
C THR B 253 -15.00 -28.98 -2.43
N LEU B 254 -14.74 -27.70 -2.06
CA LEU B 254 -15.70 -26.87 -1.29
C LEU B 254 -16.94 -26.57 -2.15
N GLN B 255 -16.74 -26.33 -3.44
CA GLN B 255 -17.82 -26.05 -4.37
C GLN B 255 -18.79 -27.20 -4.46
N GLN B 256 -18.25 -28.45 -4.50
CA GLN B 256 -19.06 -29.67 -4.55
C GLN B 256 -19.96 -29.79 -3.32
N GLN B 257 -19.57 -29.21 -2.18
CA GLN B 257 -20.39 -29.26 -0.96
C GLN B 257 -21.59 -28.27 -0.98
N GLU B 258 -21.74 -27.48 -2.05
CA GLU B 258 -22.80 -26.49 -2.15
C GLU B 258 -24.17 -27.09 -2.35
N CYS B 259 -24.26 -28.35 -2.84
CA CYS B 259 -25.53 -29.06 -3.03
CA CYS B 259 -25.56 -28.98 -3.02
C CYS B 259 -26.21 -29.33 -1.68
N LYS B 260 -25.42 -29.38 -0.58
CA LYS B 260 -25.92 -29.58 0.78
C LYS B 260 -26.59 -28.25 1.31
N LEU B 261 -26.54 -27.13 0.53
CA LEU B 261 -27.07 -25.86 1.04
C LEU B 261 -28.22 -25.25 0.20
N LEU B 262 -29.04 -26.07 -0.50
CA LEU B 262 -30.17 -25.52 -1.26
C LEU B 262 -31.39 -25.29 -0.34
N TYR B 263 -31.25 -24.43 0.70
CA TYR B 263 -32.36 -24.13 1.61
C TYR B 263 -33.43 -23.28 0.92
N SER B 264 -34.65 -23.21 1.49
CA SER B 264 -35.71 -22.43 0.85
C SER B 264 -35.42 -20.93 0.87
N ARG B 265 -35.77 -20.27 -0.24
CA ARG B 265 -35.69 -18.83 -0.45
C ARG B 265 -37.07 -18.39 -1.01
N LYS B 266 -38.17 -18.92 -0.40
CA LYS B 266 -39.54 -18.67 -0.82
C LYS B 266 -40.05 -17.23 -0.62
N GLU B 267 -39.66 -16.55 0.47
CA GLU B 267 -40.06 -15.18 0.75
C GLU B 267 -39.60 -14.21 -0.32
N GLY B 268 -38.41 -14.42 -0.83
CA GLY B 268 -37.87 -13.59 -1.90
C GLY B 268 -38.57 -13.81 -3.22
N GLN B 269 -39.14 -15.01 -3.42
CA GLN B 269 -39.86 -15.36 -4.64
C GLN B 269 -41.28 -14.81 -4.69
N ARG B 270 -41.84 -14.35 -3.56
CA ARG B 270 -43.19 -13.78 -3.54
C ARG B 270 -43.32 -12.61 -4.47
N GLN B 271 -44.48 -12.47 -5.12
CA GLN B 271 -44.77 -11.42 -6.09
C GLN B 271 -44.47 -10.03 -5.55
N GLU B 272 -44.88 -9.79 -4.34
CA GLU B 272 -44.75 -8.52 -3.65
C GLU B 272 -43.28 -8.19 -3.25
N ASN B 273 -42.35 -9.15 -3.42
CA ASN B 273 -40.94 -9.00 -3.10
C ASN B 273 -40.00 -9.07 -4.28
N LYS B 274 -40.50 -9.45 -5.45
CA LYS B 274 -39.69 -9.59 -6.64
C LYS B 274 -38.92 -8.33 -7.01
N ASN B 275 -39.57 -7.16 -6.97
CA ASN B 275 -38.89 -5.91 -7.36
C ASN B 275 -37.91 -5.37 -6.26
N LYS B 276 -37.83 -6.05 -5.11
CA LYS B 276 -36.91 -5.69 -4.02
C LYS B 276 -35.55 -6.44 -4.08
N ASN B 277 -35.38 -7.27 -5.10
CA ASN B 277 -34.16 -8.01 -5.35
C ASN B 277 -33.51 -7.36 -6.56
N ARG B 278 -32.24 -7.04 -6.43
CA ARG B 278 -31.43 -6.49 -7.52
C ARG B 278 -31.28 -7.57 -8.61
N TYR B 279 -31.19 -8.84 -8.22
CA TYR B 279 -31.09 -9.99 -9.08
C TYR B 279 -32.16 -10.96 -8.64
N LYS B 280 -33.11 -11.20 -9.52
CA LYS B 280 -34.29 -12.04 -9.35
C LYS B 280 -34.05 -13.39 -8.68
N ASN B 281 -32.91 -14.01 -8.96
CA ASN B 281 -32.57 -15.33 -8.45
C ASN B 281 -31.55 -15.35 -7.35
N ILE B 282 -31.01 -14.18 -6.95
CA ILE B 282 -30.06 -14.15 -5.85
C ILE B 282 -30.90 -13.70 -4.67
N LEU B 283 -31.29 -14.67 -3.82
CA LEU B 283 -32.26 -14.48 -2.74
C LEU B 283 -31.77 -14.89 -1.33
N PRO B 284 -32.33 -14.27 -0.28
CA PRO B 284 -31.94 -14.66 1.07
C PRO B 284 -32.61 -15.97 1.49
N PHE B 285 -31.91 -16.81 2.27
CA PHE B 285 -32.52 -18.02 2.80
C PHE B 285 -33.63 -17.59 3.79
N ASP B 286 -34.77 -18.26 3.75
CA ASP B 286 -35.88 -17.93 4.65
C ASP B 286 -35.49 -18.00 6.13
N HIS B 287 -34.64 -18.99 6.50
CA HIS B 287 -34.27 -19.22 7.91
C HIS B 287 -33.22 -18.23 8.49
N THR B 288 -32.48 -17.48 7.66
CA THR B 288 -31.51 -16.48 8.18
C THR B 288 -31.81 -15.05 7.72
N ARG B 289 -32.83 -14.86 6.88
CA ARG B 289 -33.17 -13.54 6.35
C ARG B 289 -33.53 -12.56 7.44
N VAL B 290 -33.26 -11.28 7.19
CA VAL B 290 -33.64 -10.24 8.14
C VAL B 290 -35.12 -9.92 7.94
N VAL B 291 -35.94 -10.19 8.96
CA VAL B 291 -37.36 -9.90 8.92
C VAL B 291 -37.57 -8.50 9.55
N LEU B 292 -38.14 -7.58 8.78
CA LEU B 292 -38.42 -6.23 9.26
C LEU B 292 -39.79 -6.25 9.96
N HIS B 293 -39.83 -5.86 11.23
CA HIS B 293 -41.08 -5.85 12.00
C HIS B 293 -41.57 -4.41 12.21
N VAL B 301 -47.26 -6.65 2.72
CA VAL B 301 -45.87 -7.09 2.87
C VAL B 301 -44.89 -5.95 3.01
N SER B 302 -44.35 -5.83 4.23
CA SER B 302 -43.35 -4.81 4.59
C SER B 302 -42.19 -5.43 5.40
N ASP B 303 -42.13 -6.78 5.53
CA ASP B 303 -41.11 -7.47 6.33
C ASP B 303 -39.88 -7.97 5.57
N TYR B 304 -39.83 -7.73 4.27
CA TYR B 304 -38.76 -8.27 3.44
C TYR B 304 -37.65 -7.32 3.07
N ILE B 305 -36.43 -7.85 3.13
CA ILE B 305 -35.24 -7.21 2.64
C ILE B 305 -34.28 -8.30 2.13
N ASN B 306 -33.56 -8.07 1.04
CA ASN B 306 -32.60 -9.05 0.54
C ASN B 306 -31.30 -8.96 1.39
N ALA B 307 -31.37 -9.56 2.58
CA ALA B 307 -30.35 -9.53 3.59
C ALA B 307 -30.48 -10.75 4.49
N ASN B 308 -29.34 -11.23 5.04
CA ASN B 308 -29.27 -12.33 5.98
C ASN B 308 -28.33 -12.04 7.13
N ILE B 309 -28.66 -12.55 8.30
CA ILE B 309 -27.80 -12.47 9.46
C ILE B 309 -26.76 -13.57 9.27
N ILE B 310 -25.51 -13.24 9.51
CA ILE B 310 -24.40 -14.18 9.43
C ILE B 310 -23.77 -14.20 10.82
N MET B 311 -23.91 -15.32 11.50
CA MET B 311 -23.36 -15.53 12.82
C MET B 311 -22.24 -16.56 12.75
N PRO B 312 -20.99 -16.18 13.12
CA PRO B 312 -19.90 -17.18 13.10
C PRO B 312 -20.03 -18.25 14.20
N PRO B 323 -18.50 -9.69 23.67
CA PRO B 323 -19.57 -10.25 22.83
C PRO B 323 -19.05 -10.92 21.55
N LYS B 324 -19.96 -11.59 20.82
CA LYS B 324 -19.62 -12.26 19.57
C LYS B 324 -20.07 -11.34 18.43
N LYS B 325 -19.17 -10.98 17.48
CA LYS B 325 -19.52 -10.09 16.37
C LYS B 325 -20.30 -10.79 15.26
N SER B 326 -21.48 -10.30 14.92
CA SER B 326 -22.27 -10.86 13.82
C SER B 326 -22.36 -9.87 12.64
N TYR B 327 -22.84 -10.37 11.50
CA TYR B 327 -22.91 -9.57 10.27
C TYR B 327 -24.26 -9.66 9.65
N ILE B 328 -24.56 -8.68 8.81
CA ILE B 328 -25.72 -8.74 7.98
C ILE B 328 -25.10 -8.57 6.62
N ALA B 329 -25.18 -9.61 5.81
CA ALA B 329 -24.70 -9.60 4.45
C ALA B 329 -25.94 -9.25 3.62
N THR B 330 -25.86 -8.20 2.82
CA THR B 330 -26.98 -7.70 2.06
C THR B 330 -26.55 -7.22 0.66
N GLN B 331 -27.53 -6.98 -0.20
CA GLN B 331 -27.28 -6.50 -1.54
C GLN B 331 -27.14 -4.93 -1.52
N GLY B 332 -26.63 -4.36 -2.62
CA GLY B 332 -26.59 -2.91 -2.79
C GLY B 332 -28.02 -2.41 -2.98
N CYS B 333 -28.36 -1.29 -2.28
CA CYS B 333 -29.69 -0.71 -2.30
C CYS B 333 -30.25 -0.50 -3.68
N LEU B 334 -31.54 -0.68 -3.80
CA LEU B 334 -32.28 -0.26 -4.99
C LEU B 334 -32.96 1.05 -4.56
N GLN B 335 -33.41 1.93 -5.49
CA GLN B 335 -34.11 3.17 -5.06
C GLN B 335 -35.37 2.84 -4.25
N ASN B 336 -36.07 1.74 -4.61
CA ASN B 336 -37.26 1.35 -3.88
C ASN B 336 -36.99 0.58 -2.59
N THR B 337 -35.71 0.30 -2.24
CA THR B 337 -35.41 -0.40 -0.98
C THR B 337 -34.55 0.43 -0.02
N VAL B 338 -34.35 1.73 -0.28
CA VAL B 338 -33.55 2.56 0.61
C VAL B 338 -34.22 2.68 1.98
N ASN B 339 -35.55 2.90 2.02
CA ASN B 339 -36.23 3.01 3.30
C ASN B 339 -36.10 1.71 4.13
N ASP B 340 -36.25 0.54 3.47
CA ASP B 340 -36.15 -0.78 4.07
C ASP B 340 -34.73 -1.07 4.58
N PHE B 341 -33.72 -0.54 3.89
CA PHE B 341 -32.35 -0.62 4.33
C PHE B 341 -32.18 0.14 5.68
N TRP B 342 -32.69 1.38 5.78
CA TRP B 342 -32.58 2.15 7.03
C TRP B 342 -33.45 1.56 8.16
N ARG B 343 -34.57 0.89 7.81
CA ARG B 343 -35.37 0.17 8.79
C ARG B 343 -34.56 -1.01 9.35
N MET B 344 -33.81 -1.72 8.47
CA MET B 344 -32.98 -2.82 8.91
C MET B 344 -31.87 -2.31 9.86
N VAL B 345 -31.12 -1.26 9.46
CA VAL B 345 -30.05 -0.69 10.29
C VAL B 345 -30.55 -0.32 11.70
N PHE B 346 -31.72 0.34 11.75
CA PHE B 346 -32.35 0.74 13.00
C PHE B 346 -32.82 -0.43 13.88
N GLN B 347 -33.61 -1.36 13.32
CA GLN B 347 -34.13 -2.50 14.05
C GLN B 347 -33.01 -3.36 14.64
N GLU B 348 -31.98 -3.59 13.84
CA GLU B 348 -30.87 -4.42 14.25
C GLU B 348 -29.87 -3.77 15.17
N ASN B 349 -30.01 -2.45 15.42
CA ASN B 349 -29.09 -1.69 16.24
C ASN B 349 -27.67 -1.69 15.63
N SER B 350 -27.55 -1.87 14.30
CA SER B 350 -26.25 -1.86 13.64
C SER B 350 -25.65 -0.44 13.71
N ARG B 351 -24.37 -0.37 14.07
CA ARG B 351 -23.68 0.92 14.19
C ARG B 351 -22.59 1.11 13.15
N VAL B 352 -22.29 0.08 12.36
CA VAL B 352 -21.22 0.05 11.40
C VAL B 352 -21.77 -0.57 10.09
N ILE B 353 -21.54 0.13 9.00
CA ILE B 353 -21.91 -0.33 7.67
C ILE B 353 -20.62 -0.42 6.88
N VAL B 354 -20.49 -1.47 6.09
CA VAL B 354 -19.34 -1.68 5.26
C VAL B 354 -19.82 -1.82 3.85
N MET B 355 -19.52 -0.81 3.02
CA MET B 355 -19.89 -0.81 1.63
C MET B 355 -18.60 -1.18 0.87
N THR B 356 -18.59 -2.31 0.17
CA THR B 356 -17.37 -2.79 -0.47
C THR B 356 -17.30 -2.50 -1.97
N THR B 357 -18.12 -1.57 -2.43
CA THR B 357 -18.22 -1.26 -3.85
C THR B 357 -18.44 0.23 -4.08
N LYS B 358 -18.09 0.72 -5.27
CA LYS B 358 -18.43 2.10 -5.64
C LYS B 358 -19.93 2.11 -6.01
N GLU B 359 -20.56 3.29 -6.07
CA GLU B 359 -21.96 3.38 -6.48
C GLU B 359 -22.08 2.95 -7.95
N VAL B 360 -21.07 3.28 -8.79
CA VAL B 360 -21.04 2.92 -10.20
C VAL B 360 -19.71 2.24 -10.56
N GLU B 361 -19.79 1.06 -11.18
CA GLU B 361 -18.59 0.34 -11.61
C GLU B 361 -18.77 -0.08 -13.07
N ARG B 362 -17.80 0.28 -13.93
CA ARG B 362 -17.82 0.00 -15.38
C ARG B 362 -19.12 0.47 -16.04
N GLY B 363 -19.54 1.68 -15.70
CA GLY B 363 -20.76 2.28 -16.23
C GLY B 363 -22.06 1.68 -15.71
N LYS B 364 -21.98 0.70 -14.81
CA LYS B 364 -23.16 0.05 -14.25
C LYS B 364 -23.41 0.47 -12.80
N SER B 365 -24.65 0.76 -12.46
CA SER B 365 -25.00 1.11 -11.09
C SER B 365 -25.03 -0.15 -10.21
N LYS B 366 -24.22 -0.17 -9.18
CA LYS B 366 -24.12 -1.30 -8.26
C LYS B 366 -24.84 -1.07 -6.93
N CYS B 367 -25.09 0.21 -6.58
CA CYS B 367 -25.73 0.57 -5.33
C CYS B 367 -26.22 1.99 -5.45
N VAL B 368 -27.46 2.24 -5.01
CA VAL B 368 -28.00 3.59 -5.03
C VAL B 368 -27.45 4.38 -3.81
N LYS B 369 -27.24 5.70 -3.95
CA LYS B 369 -26.74 6.53 -2.86
C LYS B 369 -27.83 6.57 -1.80
N TYR B 370 -27.59 5.91 -0.68
CA TYR B 370 -28.59 5.80 0.39
C TYR B 370 -28.32 6.69 1.59
N TRP B 371 -27.30 7.53 1.52
CA TRP B 371 -26.88 8.44 2.57
C TRP B 371 -26.96 9.87 2.01
N PRO B 372 -27.23 10.87 2.86
CA PRO B 372 -27.24 12.24 2.36
C PRO B 372 -25.82 12.76 2.10
N ASP B 373 -25.73 13.84 1.34
CA ASP B 373 -24.47 14.54 1.09
C ASP B 373 -23.89 15.03 2.44
N GLU B 374 -22.58 15.35 2.47
CA GLU B 374 -21.97 15.84 3.72
C GLU B 374 -22.71 17.05 4.32
N TYR B 375 -23.07 16.98 5.62
CA TYR B 375 -23.78 18.03 6.40
C TYR B 375 -25.30 18.06 6.16
N ALA B 376 -25.79 17.26 5.21
CA ALA B 376 -27.19 17.25 4.88
C ALA B 376 -27.98 16.27 5.76
N LEU B 377 -29.28 16.53 5.85
CA LEU B 377 -30.19 15.69 6.59
C LEU B 377 -31.26 15.23 5.60
N LYS B 378 -31.57 13.92 5.60
CA LYS B 378 -32.60 13.34 4.76
C LYS B 378 -33.53 12.45 5.56
N GLU B 379 -34.76 12.36 5.10
CA GLU B 379 -35.75 11.45 5.64
C GLU B 379 -35.95 10.36 4.60
N TYR B 380 -35.87 9.12 5.04
CA TYR B 380 -36.05 7.92 4.24
C TYR B 380 -37.17 7.19 4.95
N GLY B 381 -38.39 7.52 4.56
CA GLY B 381 -39.58 6.98 5.19
C GLY B 381 -39.70 7.58 6.58
N VAL B 382 -39.79 6.72 7.57
CA VAL B 382 -39.85 7.07 8.99
C VAL B 382 -38.44 7.29 9.59
N MET B 383 -37.36 7.03 8.82
CA MET B 383 -35.99 7.16 9.32
C MET B 383 -35.38 8.45 8.88
N ARG B 384 -34.66 9.09 9.77
CA ARG B 384 -33.99 10.34 9.51
C ARG B 384 -32.48 10.09 9.61
N VAL B 385 -31.74 10.43 8.56
CA VAL B 385 -30.30 10.26 8.54
C VAL B 385 -29.64 11.58 8.32
N ARG B 386 -28.73 11.93 9.22
CA ARG B 386 -27.91 13.11 9.11
C ARG B 386 -26.49 12.66 8.71
N ASN B 387 -25.84 13.28 7.69
CA ASN B 387 -24.44 12.96 7.39
C ASN B 387 -23.62 14.01 8.13
N VAL B 388 -23.06 13.66 9.28
CA VAL B 388 -22.31 14.58 10.15
C VAL B 388 -20.93 14.99 9.60
N LYS B 389 -20.17 14.02 9.09
CA LYS B 389 -18.82 14.28 8.63
C LYS B 389 -18.31 13.16 7.72
N GLU B 390 -17.51 13.52 6.74
CA GLU B 390 -16.86 12.57 5.86
C GLU B 390 -15.36 12.72 6.01
N SER B 391 -14.64 11.61 6.09
CA SER B 391 -13.18 11.59 6.20
C SER B 391 -12.67 10.62 5.18
N ALA B 392 -11.98 11.12 4.17
CA ALA B 392 -11.44 10.29 3.12
C ALA B 392 -10.00 9.89 3.45
N ALA B 393 -9.68 8.65 3.11
CA ALA B 393 -8.38 7.99 3.17
C ALA B 393 -8.14 7.47 1.71
N HIS B 394 -7.02 6.81 1.40
CA HIS B 394 -6.79 6.34 0.03
C HIS B 394 -7.76 5.22 -0.32
N ASP B 395 -7.84 4.20 0.54
CA ASP B 395 -8.64 3.02 0.28
C ASP B 395 -10.13 3.16 0.59
N TYR B 396 -10.52 4.14 1.41
CA TYR B 396 -11.91 4.25 1.79
C TYR B 396 -12.34 5.62 2.25
N THR B 397 -13.65 5.81 2.37
CA THR B 397 -14.27 7.02 2.90
C THR B 397 -15.03 6.59 4.15
N LEU B 398 -14.98 7.40 5.19
CA LEU B 398 -15.71 7.13 6.41
C LEU B 398 -16.76 8.23 6.55
N ARG B 399 -18.02 7.83 6.66
CA ARG B 399 -19.11 8.77 6.84
C ARG B 399 -19.70 8.58 8.20
N GLU B 400 -19.71 9.64 8.98
CA GLU B 400 -20.29 9.61 10.30
C GLU B 400 -21.77 9.98 10.07
N LEU B 401 -22.70 9.05 10.33
CA LEU B 401 -24.12 9.28 10.11
C LEU B 401 -24.86 9.24 11.43
N LYS B 402 -25.99 9.93 11.54
CA LYS B 402 -26.79 9.91 12.77
C LYS B 402 -28.15 9.44 12.31
N LEU B 403 -28.57 8.28 12.77
CA LEU B 403 -29.84 7.69 12.38
C LEU B 403 -30.82 7.78 13.55
N SER B 404 -32.08 8.07 13.25
CA SER B 404 -33.11 8.13 14.26
C SER B 404 -34.48 7.98 13.60
N LYS B 405 -35.48 7.58 14.39
CA LYS B 405 -36.83 7.49 13.92
C LYS B 405 -37.40 8.93 13.95
N VAL B 406 -38.14 9.29 12.89
CA VAL B 406 -38.75 10.60 12.80
C VAL B 406 -39.83 10.74 13.91
N GLY B 407 -39.79 11.85 14.64
CA GLY B 407 -40.71 12.10 15.74
C GLY B 407 -40.23 11.64 17.10
N GLN B 408 -38.98 11.15 17.21
CA GLN B 408 -38.42 10.68 18.48
C GLN B 408 -36.89 10.76 18.50
N GLY B 409 -36.37 11.86 19.05
CA GLY B 409 -34.94 12.11 19.11
C GLY B 409 -34.17 11.15 19.99
N ASN B 410 -34.87 10.60 21.01
CA ASN B 410 -34.29 9.60 21.92
C ASN B 410 -33.83 8.32 21.19
N THR B 411 -34.27 8.10 19.96
CA THR B 411 -33.90 6.94 19.16
C THR B 411 -32.60 7.12 18.40
N GLU B 412 -31.96 8.30 18.45
CA GLU B 412 -30.76 8.59 17.69
C GLU B 412 -29.51 7.81 18.08
N ARG B 413 -28.79 7.32 17.06
CA ARG B 413 -27.52 6.65 17.24
C ARG B 413 -26.61 6.95 16.05
N THR B 414 -25.30 6.98 16.30
CA THR B 414 -24.33 7.22 15.25
C THR B 414 -24.11 5.89 14.50
N VAL B 415 -24.12 5.94 13.19
CA VAL B 415 -23.84 4.82 12.34
C VAL B 415 -22.61 5.21 11.48
N TRP B 416 -21.54 4.44 11.62
CA TRP B 416 -20.32 4.67 10.90
C TRP B 416 -20.32 3.87 9.62
N GLN B 417 -20.28 4.57 8.47
CA GLN B 417 -20.28 3.90 7.19
C GLN B 417 -18.91 3.96 6.56
N TYR B 418 -18.24 2.84 6.48
CA TYR B 418 -16.92 2.64 5.90
C TYR B 418 -17.14 2.17 4.51
N HIS B 419 -16.77 2.96 3.55
CA HIS B 419 -16.99 2.73 2.14
C HIS B 419 -15.65 2.41 1.45
N PHE B 420 -15.36 1.11 1.20
CA PHE B 420 -14.14 0.69 0.53
C PHE B 420 -14.24 1.11 -0.93
N ARG B 421 -13.22 1.78 -1.42
CA ARG B 421 -13.26 2.34 -2.77
C ARG B 421 -12.20 1.81 -3.73
N THR B 422 -11.24 1.02 -3.26
CA THR B 422 -10.16 0.55 -4.13
C THR B 422 -10.27 -0.89 -4.56
N TRP B 423 -11.45 -1.54 -4.42
CA TRP B 423 -11.56 -2.94 -4.87
C TRP B 423 -11.60 -2.91 -6.40
N PRO B 424 -10.72 -3.68 -7.06
CA PRO B 424 -10.72 -3.70 -8.54
C PRO B 424 -12.01 -4.16 -9.23
N ASP B 425 -12.30 -3.55 -10.40
CA ASP B 425 -13.50 -3.83 -11.20
C ASP B 425 -13.75 -5.34 -11.39
N HIS B 426 -12.69 -6.08 -11.70
CA HIS B 426 -12.75 -7.53 -11.81
C HIS B 426 -11.60 -8.11 -10.98
N GLY B 427 -11.83 -9.29 -10.42
CA GLY B 427 -10.81 -9.97 -9.65
C GLY B 427 -10.66 -9.42 -8.25
N VAL B 428 -9.52 -9.68 -7.64
CA VAL B 428 -9.24 -9.25 -6.29
C VAL B 428 -8.04 -8.33 -6.23
N PRO B 429 -7.86 -7.54 -5.14
CA PRO B 429 -6.65 -6.70 -5.05
C PRO B 429 -5.38 -7.56 -5.07
N SER B 430 -4.32 -7.07 -5.71
CA SER B 430 -3.04 -7.78 -5.77
C SER B 430 -2.36 -7.90 -4.40
N ASP B 431 -2.65 -6.99 -3.47
CA ASP B 431 -2.12 -7.01 -2.11
C ASP B 431 -3.28 -6.97 -1.11
N PRO B 432 -3.29 -7.78 -0.05
CA PRO B 432 -4.39 -7.73 0.91
C PRO B 432 -4.28 -6.66 2.01
N GLY B 433 -3.14 -5.97 2.10
CA GLY B 433 -2.83 -4.96 3.10
C GLY B 433 -3.87 -3.88 3.34
N GLY B 434 -4.40 -3.29 2.27
CA GLY B 434 -5.44 -2.27 2.35
C GLY B 434 -6.74 -2.82 2.88
N VAL B 435 -7.13 -4.04 2.46
CA VAL B 435 -8.33 -4.70 2.98
C VAL B 435 -8.14 -4.98 4.49
N LEU B 436 -6.92 -5.42 4.88
CA LEU B 436 -6.60 -5.71 6.28
C LEU B 436 -6.63 -4.49 7.14
N ASP B 437 -6.04 -3.37 6.66
CA ASP B 437 -6.03 -2.12 7.39
C ASP B 437 -7.46 -1.62 7.61
N PHE B 438 -8.30 -1.76 6.57
CA PHE B 438 -9.71 -1.39 6.56
C PHE B 438 -10.51 -2.20 7.59
N LEU B 439 -10.38 -3.53 7.57
CA LEU B 439 -11.09 -4.41 8.51
C LEU B 439 -10.65 -4.22 9.95
N GLU B 440 -9.37 -3.92 10.16
CA GLU B 440 -8.85 -3.67 11.51
C GLU B 440 -9.50 -2.39 12.07
N GLU B 441 -9.61 -1.34 11.25
CA GLU B 441 -10.25 -0.10 11.66
C GLU B 441 -11.76 -0.30 11.93
N VAL B 442 -12.44 -1.05 11.07
CA VAL B 442 -13.86 -1.40 11.23
C VAL B 442 -14.04 -2.18 12.57
N HIS B 443 -13.11 -3.10 12.85
CA HIS B 443 -13.16 -3.90 14.07
C HIS B 443 -13.07 -3.05 15.33
N HIS B 444 -12.13 -2.10 15.36
CA HIS B 444 -11.97 -1.27 16.56
C HIS B 444 -13.17 -0.36 16.77
N LYS B 445 -13.78 0.18 15.67
CA LYS B 445 -15.00 0.99 15.75
C LYS B 445 -16.13 0.20 16.41
N GLN B 446 -16.39 -1.00 15.89
CA GLN B 446 -17.40 -1.92 16.38
C GLN B 446 -17.14 -2.27 17.82
N GLU B 447 -15.87 -2.56 18.16
CA GLU B 447 -15.49 -2.92 19.51
C GLU B 447 -15.65 -1.76 20.54
N SER B 448 -15.42 -0.52 20.14
CA SER B 448 -15.57 0.65 21.02
C SER B 448 -17.03 1.02 21.32
N ILE B 449 -18.00 0.50 20.53
CA ILE B 449 -19.41 0.84 20.73
C ILE B 449 -20.15 -0.20 21.52
N MET B 450 -20.53 0.16 22.75
CA MET B 450 -21.25 -0.71 23.66
C MET B 450 -22.59 -1.16 23.06
N ASP B 451 -22.89 -2.48 23.12
CA ASP B 451 -24.13 -3.10 22.64
C ASP B 451 -24.44 -2.92 21.13
N ALA B 452 -23.42 -2.69 20.28
CA ALA B 452 -23.64 -2.54 18.85
C ALA B 452 -24.21 -3.85 18.25
N GLY B 453 -25.12 -3.73 17.31
CA GLY B 453 -25.70 -4.87 16.63
C GLY B 453 -24.75 -5.40 15.56
N PRO B 454 -25.25 -6.23 14.63
CA PRO B 454 -24.37 -6.77 13.60
C PRO B 454 -23.79 -5.70 12.69
N VAL B 455 -22.65 -5.95 12.10
CA VAL B 455 -22.01 -5.02 11.17
C VAL B 455 -22.68 -5.30 9.82
N VAL B 456 -23.32 -4.29 9.18
CA VAL B 456 -23.94 -4.49 7.88
C VAL B 456 -22.81 -4.50 6.82
N VAL B 457 -22.78 -5.47 5.90
CA VAL B 457 -21.78 -5.53 4.84
C VAL B 457 -22.53 -5.76 3.53
N HIS B 458 -22.30 -4.94 2.50
CA HIS B 458 -22.96 -5.06 1.21
C HIS B 458 -22.06 -4.66 0.05
N CYS B 459 -22.30 -5.27 -1.10
CA CYS B 459 -21.63 -4.96 -2.35
C CYS B 459 -22.73 -4.80 -3.44
N SER B 460 -22.89 -5.69 -4.42
CA SER B 460 -23.94 -5.53 -5.46
C SER B 460 -25.02 -6.59 -5.19
N ALA B 461 -24.70 -7.87 -5.48
CA ALA B 461 -25.55 -8.99 -5.14
C ALA B 461 -25.40 -9.33 -3.62
N GLY B 462 -24.36 -8.82 -2.97
CA GLY B 462 -24.15 -9.04 -1.55
C GLY B 462 -23.72 -10.45 -1.21
N ILE B 463 -22.96 -11.08 -2.11
CA ILE B 463 -22.52 -12.47 -1.89
C ILE B 463 -21.00 -12.67 -2.10
N GLY B 464 -20.41 -12.13 -3.17
CA GLY B 464 -18.99 -12.31 -3.52
C GLY B 464 -17.98 -11.57 -2.69
N ARG B 465 -17.86 -10.26 -2.93
CA ARG B 465 -17.01 -9.38 -2.13
C ARG B 465 -17.51 -9.33 -0.70
N THR B 466 -18.83 -9.36 -0.49
CA THR B 466 -19.40 -9.37 0.85
C THR B 466 -18.92 -10.58 1.63
N GLY B 467 -18.99 -11.76 1.00
CA GLY B 467 -18.54 -13.01 1.60
C GLY B 467 -17.07 -13.03 1.90
N THR B 468 -16.26 -12.49 1.00
CA THR B 468 -14.82 -12.45 1.14
C THR B 468 -14.45 -11.57 2.31
N PHE B 469 -15.05 -10.36 2.38
CA PHE B 469 -14.81 -9.49 3.51
C PHE B 469 -15.24 -10.13 4.83
N ILE B 470 -16.42 -10.75 4.88
CA ILE B 470 -16.90 -11.38 6.11
C ILE B 470 -16.00 -12.55 6.56
N VAL B 471 -15.57 -13.43 5.63
CA VAL B 471 -14.75 -14.59 5.98
C VAL B 471 -13.41 -14.18 6.52
N ILE B 472 -12.73 -13.26 5.82
CA ILE B 472 -11.45 -12.68 6.23
C ILE B 472 -11.59 -12.09 7.63
N ASP B 473 -12.67 -11.37 7.89
CA ASP B 473 -12.92 -10.80 9.20
C ASP B 473 -13.19 -11.86 10.29
N ILE B 474 -13.89 -12.97 9.98
CA ILE B 474 -14.12 -14.04 10.97
C ILE B 474 -12.78 -14.68 11.34
N LEU B 475 -11.98 -14.98 10.31
CA LEU B 475 -10.68 -15.61 10.42
C LEU B 475 -9.69 -14.77 11.18
N ILE B 476 -9.58 -13.47 10.85
CA ILE B 476 -8.64 -12.63 11.55
C ILE B 476 -9.14 -12.30 12.97
N ASP B 477 -10.45 -12.40 13.26
CA ASP B 477 -10.93 -12.19 14.64
C ASP B 477 -10.49 -13.35 15.53
N ILE B 478 -10.43 -14.57 14.99
CA ILE B 478 -9.96 -15.77 15.69
C ILE B 478 -8.46 -15.55 16.05
N ILE B 479 -7.65 -15.10 15.07
CA ILE B 479 -6.21 -14.85 15.21
C ILE B 479 -5.90 -13.66 16.12
N ARG B 480 -6.68 -12.57 16.06
CA ARG B 480 -6.44 -11.39 16.90
C ARG B 480 -6.73 -11.68 18.38
N GLU B 481 -7.71 -12.54 18.65
CA GLU B 481 -8.11 -12.90 20.02
C GLU B 481 -7.31 -14.08 20.60
N LYS B 482 -6.78 -15.00 19.75
CA LYS B 482 -6.09 -16.19 20.26
C LYS B 482 -4.63 -16.35 19.80
N GLY B 483 -4.11 -15.40 19.04
CA GLY B 483 -2.73 -15.45 18.59
C GLY B 483 -2.46 -16.50 17.53
N VAL B 484 -1.16 -16.74 17.23
CA VAL B 484 -0.78 -17.73 16.21
C VAL B 484 -1.00 -19.16 16.65
N ASP B 485 -1.23 -19.42 17.96
CA ASP B 485 -1.48 -20.78 18.42
C ASP B 485 -3.00 -21.04 18.39
N CYS B 486 -3.59 -20.97 17.20
CA CYS B 486 -5.03 -21.21 17.04
C CYS B 486 -5.28 -21.99 15.76
N ASP B 487 -6.39 -22.72 15.70
CA ASP B 487 -6.73 -23.52 14.54
C ASP B 487 -7.64 -22.74 13.61
N ILE B 488 -7.24 -22.60 12.35
CA ILE B 488 -8.10 -21.99 11.36
C ILE B 488 -8.37 -23.01 10.22
N ASP B 489 -9.58 -22.96 9.65
CA ASP B 489 -10.01 -23.89 8.61
C ASP B 489 -10.84 -23.06 7.62
N VAL B 490 -10.18 -22.50 6.60
CA VAL B 490 -10.80 -21.63 5.62
C VAL B 490 -12.06 -22.24 4.97
N PRO B 491 -12.01 -23.44 4.34
CA PRO B 491 -13.25 -23.99 3.75
C PRO B 491 -14.34 -24.30 4.76
N LYS B 492 -14.01 -24.70 6.01
CA LYS B 492 -15.06 -24.91 7.00
C LYS B 492 -15.77 -23.57 7.32
N THR B 493 -15.00 -22.48 7.40
CA THR B 493 -15.54 -21.15 7.67
C THR B 493 -16.44 -20.68 6.53
N ILE B 494 -16.03 -20.95 5.30
CA ILE B 494 -16.79 -20.54 4.12
C ILE B 494 -18.06 -21.34 3.99
N GLN B 495 -17.98 -22.66 4.23
CA GLN B 495 -19.16 -23.52 4.20
C GLN B 495 -20.17 -23.04 5.26
N MET B 496 -19.70 -22.74 6.45
CA MET B 496 -20.55 -22.23 7.54
C MET B 496 -21.31 -20.90 7.18
N VAL B 497 -20.60 -19.98 6.52
CA VAL B 497 -21.12 -18.70 6.09
C VAL B 497 -22.08 -18.86 4.87
N ARG B 498 -21.81 -19.82 3.97
CA ARG B 498 -22.66 -20.20 2.86
C ARG B 498 -23.96 -20.85 3.33
N SER B 499 -23.98 -21.50 4.50
CA SER B 499 -25.23 -22.06 5.03
C SER B 499 -26.19 -20.94 5.56
N GLN B 500 -25.71 -19.70 5.65
CA GLN B 500 -26.52 -18.57 6.11
C GLN B 500 -26.87 -17.58 5.01
N ARG B 501 -26.07 -17.51 3.94
CA ARG B 501 -26.42 -16.71 2.77
C ARG B 501 -25.80 -17.41 1.58
N SER B 502 -26.56 -17.63 0.52
CA SER B 502 -26.08 -18.42 -0.60
C SER B 502 -24.93 -17.79 -1.34
N GLY B 503 -24.01 -18.64 -1.74
CA GLY B 503 -22.86 -18.24 -2.54
C GLY B 503 -21.90 -17.26 -1.90
N MET B 504 -21.81 -17.22 -0.55
CA MET B 504 -20.83 -16.37 0.11
C MET B 504 -19.44 -16.84 -0.29
N VAL B 505 -18.64 -15.96 -0.93
CA VAL B 505 -17.32 -16.23 -1.52
C VAL B 505 -17.59 -16.85 -2.90
N GLN B 506 -17.47 -16.05 -3.94
CA GLN B 506 -17.81 -16.48 -5.30
C GLN B 506 -16.73 -17.20 -6.15
N THR B 507 -15.48 -16.76 -6.09
CA THR B 507 -14.47 -17.30 -7.02
C THR B 507 -13.25 -17.89 -6.36
N GLU B 508 -12.44 -18.62 -7.15
CA GLU B 508 -11.18 -19.19 -6.72
C GLU B 508 -10.18 -18.06 -6.40
N ALA B 509 -10.28 -16.91 -7.12
CA ALA B 509 -9.45 -15.73 -6.88
C ALA B 509 -9.76 -15.16 -5.49
N GLN B 510 -11.04 -15.10 -5.11
CA GLN B 510 -11.40 -14.63 -3.76
C GLN B 510 -10.98 -15.63 -2.70
N TYR B 511 -11.05 -16.93 -3.00
CA TYR B 511 -10.65 -17.98 -2.11
C TYR B 511 -9.14 -17.87 -1.78
N ARG B 512 -8.32 -17.71 -2.84
CA ARG B 512 -6.87 -17.52 -2.73
C ARG B 512 -6.58 -16.23 -1.96
N PHE B 513 -7.38 -15.17 -2.26
CA PHE B 513 -7.24 -13.87 -1.58
C PHE B 513 -7.45 -13.98 -0.09
N ILE B 514 -8.39 -14.86 0.37
CA ILE B 514 -8.66 -15.03 1.80
C ILE B 514 -7.41 -15.62 2.46
N TYR B 515 -6.84 -16.65 1.85
CA TYR B 515 -5.63 -17.31 2.33
C TYR B 515 -4.48 -16.31 2.45
N MET B 516 -4.27 -15.49 1.37
CA MET B 516 -3.29 -14.41 1.28
C MET B 516 -3.48 -13.34 2.37
N ALA B 517 -4.72 -12.91 2.62
CA ALA B 517 -4.99 -11.91 3.65
C ALA B 517 -4.69 -12.48 5.01
N VAL B 518 -5.10 -13.75 5.27
CA VAL B 518 -4.86 -14.40 6.54
C VAL B 518 -3.35 -14.52 6.80
N GLN B 519 -2.61 -14.97 5.80
CA GLN B 519 -1.15 -15.11 5.84
C GLN B 519 -0.48 -13.79 6.17
N HIS B 520 -0.78 -12.73 5.39
CA HIS B 520 -0.28 -11.38 5.59
C HIS B 520 -0.57 -10.88 7.02
N TYR B 521 -1.81 -11.08 7.51
CA TYR B 521 -2.18 -10.68 8.88
C TYR B 521 -1.26 -11.32 9.92
N ILE B 522 -1.08 -12.65 9.83
CA ILE B 522 -0.23 -13.43 10.71
C ILE B 522 1.24 -12.99 10.61
N GLU B 523 1.72 -12.59 9.41
CA GLU B 523 3.08 -12.10 9.20
C GLU B 523 3.36 -10.78 9.95
N THR B 524 2.45 -9.80 9.85
CA THR B 524 2.62 -8.50 10.50
C THR B 524 2.31 -8.49 12.00
N LEU B 525 1.96 -9.66 12.58
CA LEU B 525 1.67 -9.81 14.00
C LEU B 525 2.99 -9.75 14.79
#